data_3I50
#
_entry.id   3I50
#
_cell.length_a   146.41
_cell.length_b   160.14
_cell.length_c   43.88
_cell.angle_alpha   90.000
_cell.angle_beta   90.000
_cell.angle_gamma   90.000
#
_symmetry.space_group_name_H-M   'P 21 21 2'
#
loop_
_entity.id
_entity.type
_entity.pdbx_description
1 polymer 'Envelope glycoprotein'
2 polymer 'murine kappa light chain of E53 monoclonal antibody Fab'
3 polymer 'murine heavy chain (IgG3) of E53 monoclonal antibody Fab'
#
loop_
_entity_poly.entity_id
_entity_poly.type
_entity_poly.pdbx_seq_one_letter_code
_entity_poly.pdbx_strand_id
1 'polypeptide(L)'
;FNCLGMSNRDFLEGVSGATWVDLVLEGDSCVTIMSKDKPTIDVKMMNMEAANLAEVRSYCYLATVSDLSTKAACPTMGEA
HNDKRADPAFVCRQGVVDRGWGNGCGLFGKGSIDTCAKFACSTKAIGRTILKENIKYEVAIFVHGPTTVESHGNYSTQVG
ATQAGRFSITPAAPSYTLKLGEYGEVTVDCEPRSGIDTNAYYVMTVGTKTFLVHREWFMDLNLPWSSAGSTVWRNRETLM
EFEEPHATKQSVIALGSQEGALHQALAGAIPVEFSSNTVKLTSGHLKCRVKMEKLQLKGTTYGVCSKAFKFLGTPADTGH
GTVVLELQYTGTDGPCKVPISSVASLNDLTPVGRLVTVNPFVSVATANAKVLIELEPPFGDSYIVVGRGEQQINHHWHKS
GS
;
E
2 'polypeptide(L)'
;QIVLTRTGGIMSASPGEKVTMTCSASSSVSYMHWYQQKSGTSPKIWIYESSKLASGVPVRFSGSGSGTSYSLTISSMEAE
DVATYYCQQWSSHPLTFGAGTKLELKRADAAPTVSIFPPSSEQLTSGGASVVCFLNNFYPKDINVKWKIDGSERQNGVLN
SWTDQDSKDSTYSMSSTLTLTKDEYERHNSYTCEATHKTSTSPIVKS
;
L
3 'polypeptide(L)'
;EVKLVESGGGLVLPGGSLRLSCATSGFTFTDYYMTWVRQPPGKALEWLGFIGNKANDYTTEYSASVKGRFTISRDDSQSI
LYLQMSTLRAEDRATYYCATVYGNYPYFDVWGVGTTVAVSSATTTAPSVYPLVPGCSDTSGSSVTLGCLVKGYFPEPVTV
KWNYGALSSGVRTVSSVLQSGFYSLSSLVTVPSSTWPSQTVICNVAHPASKVDLIKEISGP
;
H
#
# COMPACT_ATOMS: atom_id res chain seq x y z
N SER A 7 -79.52 -6.81 -9.78
CA SER A 7 -79.12 -7.71 -10.84
C SER A 7 -78.72 -9.07 -10.28
N ASN A 8 -77.45 -9.22 -9.94
CA ASN A 8 -76.93 -10.46 -9.34
C ASN A 8 -77.50 -10.67 -7.94
N ARG A 9 -78.72 -10.20 -7.73
CA ARG A 9 -79.38 -10.26 -6.44
C ARG A 9 -79.99 -11.64 -6.20
N ASP A 10 -79.15 -12.59 -5.78
CA ASP A 10 -79.57 -13.97 -5.51
C ASP A 10 -80.74 -14.06 -4.55
N PHE A 11 -81.29 -15.26 -4.40
CA PHE A 11 -82.49 -15.47 -3.60
C PHE A 11 -82.48 -16.83 -2.92
N LEU A 12 -82.49 -16.83 -1.60
CA LEU A 12 -82.42 -18.05 -0.80
C LEU A 12 -83.60 -18.10 0.15
N GLU A 13 -83.57 -19.09 1.04
CA GLU A 13 -84.61 -19.27 2.04
C GLU A 13 -84.01 -19.71 3.36
N GLY A 14 -84.14 -18.88 4.38
CA GLY A 14 -83.63 -19.17 5.72
C GLY A 14 -82.91 -20.50 5.75
N VAL A 15 -83.53 -21.49 6.38
CA VAL A 15 -83.09 -22.88 6.31
C VAL A 15 -84.14 -23.76 6.99
N SER A 16 -84.26 -24.99 6.51
CA SER A 16 -85.24 -25.94 7.03
C SER A 16 -85.40 -25.87 8.54
N GLY A 17 -86.35 -25.04 8.99
CA GLY A 17 -86.66 -24.89 10.40
C GLY A 17 -85.44 -24.70 11.30
N ALA A 18 -84.49 -23.89 10.83
CA ALA A 18 -83.28 -23.63 11.59
C ALA A 18 -82.99 -22.14 11.74
N THR A 19 -82.08 -21.82 12.66
CA THR A 19 -81.76 -20.44 12.99
C THR A 19 -80.50 -19.96 12.27
N TRP A 20 -80.30 -20.44 11.04
CA TRP A 20 -79.07 -20.16 10.31
C TRP A 20 -79.19 -20.34 8.80
N VAL A 21 -78.18 -19.87 8.08
CA VAL A 21 -78.08 -19.97 6.63
C VAL A 21 -76.60 -19.88 6.23
N ASP A 22 -76.19 -20.64 5.23
CA ASP A 22 -74.82 -20.54 4.73
C ASP A 22 -74.79 -19.95 3.33
N LEU A 23 -74.19 -18.78 3.22
CA LEU A 23 -74.29 -17.97 2.01
C LEU A 23 -72.91 -17.62 1.45
N VAL A 24 -72.87 -17.19 0.19
CA VAL A 24 -71.60 -16.83 -0.45
C VAL A 24 -71.77 -15.64 -1.40
N LEU A 25 -70.73 -14.80 -1.49
CA LEU A 25 -70.81 -13.57 -2.27
C LEU A 25 -69.65 -13.43 -3.26
N GLU A 26 -69.85 -12.68 -4.34
CA GLU A 26 -68.82 -12.49 -5.36
C GLU A 26 -68.27 -11.08 -5.25
N GLY A 27 -67.62 -10.64 -6.32
CA GLY A 27 -67.07 -9.29 -6.36
C GLY A 27 -68.14 -8.22 -6.23
N ASP A 28 -69.40 -8.59 -6.47
CA ASP A 28 -70.50 -7.63 -6.45
C ASP A 28 -71.79 -8.20 -5.85
N SER A 29 -72.06 -9.46 -6.14
CA SER A 29 -73.35 -10.07 -5.83
C SER A 29 -73.89 -9.74 -4.44
N CYS A 30 -75.21 -9.66 -4.35
CA CYS A 30 -75.91 -9.60 -3.07
C CYS A 30 -76.94 -10.73 -3.03
N VAL A 31 -77.55 -10.94 -1.87
CA VAL A 31 -78.42 -12.08 -1.69
C VAL A 31 -79.58 -11.79 -0.75
N THR A 32 -80.80 -12.03 -1.24
CA THR A 32 -81.98 -11.89 -0.40
C THR A 32 -82.28 -13.21 0.29
N ILE A 33 -82.62 -13.14 1.57
CA ILE A 33 -82.94 -14.33 2.33
C ILE A 33 -84.33 -14.20 2.92
N MET A 34 -85.24 -15.05 2.47
CA MET A 34 -86.63 -14.95 2.90
C MET A 34 -86.99 -16.10 3.82
N SER A 35 -88.07 -15.93 4.58
CA SER A 35 -88.58 -16.98 5.45
C SER A 35 -89.96 -16.58 5.99
N LYS A 36 -90.75 -17.57 6.39
CA LYS A 36 -92.09 -17.33 6.94
C LYS A 36 -92.12 -16.17 7.94
N ASP A 37 -91.70 -16.48 9.16
CA ASP A 37 -91.77 -15.57 10.30
C ASP A 37 -90.89 -14.32 10.18
N LYS A 38 -89.58 -14.51 10.04
CA LYS A 38 -88.64 -13.40 10.06
C LYS A 38 -88.65 -12.60 8.76
N PRO A 39 -88.42 -11.28 8.85
CA PRO A 39 -88.40 -10.40 7.67
C PRO A 39 -87.31 -10.82 6.71
N THR A 40 -87.32 -10.26 5.52
CA THR A 40 -86.32 -10.59 4.52
C THR A 40 -85.12 -9.70 4.72
N ILE A 41 -83.93 -10.23 4.43
CA ILE A 41 -82.68 -9.50 4.65
C ILE A 41 -81.78 -9.50 3.41
N ASP A 42 -81.75 -8.38 2.71
CA ASP A 42 -80.81 -8.23 1.61
C ASP A 42 -79.39 -8.11 2.15
N VAL A 43 -78.52 -9.04 1.74
CA VAL A 43 -77.14 -9.02 2.18
C VAL A 43 -76.22 -8.75 0.99
N LYS A 44 -75.45 -7.67 1.04
CA LYS A 44 -74.55 -7.33 -0.05
C LYS A 44 -73.09 -7.26 0.41
N MET A 45 -72.17 -7.60 -0.49
CA MET A 45 -70.74 -7.40 -0.26
C MET A 45 -70.29 -6.16 -1.00
N MET A 46 -70.39 -5.01 -0.34
CA MET A 46 -70.18 -3.73 -1.00
C MET A 46 -68.80 -3.59 -1.63
N ASN A 47 -67.76 -3.91 -0.87
CA ASN A 47 -66.41 -3.67 -1.33
C ASN A 47 -65.38 -4.29 -0.40
N MET A 48 -64.13 -4.28 -0.82
CA MET A 48 -63.03 -4.73 0.01
C MET A 48 -61.81 -3.83 -0.22
N GLU A 49 -61.13 -3.48 0.87
CA GLU A 49 -59.98 -2.58 0.78
C GLU A 49 -58.82 -3.08 1.62
N ALA A 50 -57.62 -2.66 1.24
CA ALA A 50 -56.42 -2.96 2.03
C ALA A 50 -56.10 -1.79 2.97
N ALA A 51 -55.93 -2.11 4.25
CA ALA A 51 -55.71 -1.08 5.25
C ALA A 51 -54.24 -0.93 5.62
N ASN A 52 -53.84 0.31 5.89
CA ASN A 52 -52.47 0.64 6.28
C ASN A 52 -51.43 -0.29 5.67
N LEU A 53 -50.98 0.04 4.48
CA LEU A 53 -49.94 -0.74 3.81
C LEU A 53 -48.57 -0.29 4.29
N ALA A 54 -47.70 -1.25 4.56
CA ALA A 54 -46.37 -0.95 5.07
C ALA A 54 -45.32 -0.95 3.96
N GLU A 55 -44.30 -0.11 4.12
CA GLU A 55 -43.24 0.02 3.12
C GLU A 55 -42.34 -1.20 3.11
N VAL A 56 -41.95 -1.64 1.92
CA VAL A 56 -41.05 -2.78 1.77
C VAL A 56 -39.81 -2.44 0.96
N ARG A 57 -39.97 -1.56 -0.03
CA ARG A 57 -38.83 -1.07 -0.80
C ARG A 57 -39.26 -0.05 -1.86
N SER A 58 -38.71 1.16 -1.76
CA SER A 58 -39.00 2.19 -2.76
C SER A 58 -37.79 2.44 -3.66
N TYR A 59 -38.04 2.41 -4.97
CA TYR A 59 -37.00 2.67 -5.95
C TYR A 59 -36.99 4.15 -6.35
N CYS A 60 -35.86 4.62 -6.85
CA CYS A 60 -35.75 6.00 -7.32
C CYS A 60 -35.94 6.01 -8.83
N TYR A 61 -36.42 7.12 -9.38
CA TYR A 61 -36.47 7.23 -10.83
C TYR A 61 -36.21 8.64 -11.33
N LEU A 62 -35.59 9.45 -10.47
CA LEU A 62 -35.07 10.75 -10.87
C LEU A 62 -34.11 11.27 -9.82
N ALA A 63 -32.85 10.85 -9.91
CA ALA A 63 -31.84 11.27 -8.95
C ALA A 63 -31.38 12.70 -9.19
N THR A 64 -30.76 13.27 -8.17
CA THR A 64 -30.10 14.55 -8.30
C THR A 64 -28.64 14.35 -7.93
N VAL A 65 -27.76 14.78 -8.83
CA VAL A 65 -26.33 14.70 -8.56
C VAL A 65 -25.81 16.08 -8.24
N SER A 66 -25.15 16.19 -7.09
CA SER A 66 -24.53 17.43 -6.67
C SER A 66 -23.17 17.16 -6.05
N ASP A 67 -22.47 18.23 -5.68
CA ASP A 67 -21.20 18.15 -4.98
C ASP A 67 -20.17 17.32 -5.74
N LEU A 68 -19.80 17.81 -6.91
CA LEU A 68 -18.76 17.20 -7.71
C LEU A 68 -17.40 17.43 -7.06
N SER A 69 -16.39 16.67 -7.48
CA SER A 69 -15.06 16.73 -6.87
C SER A 69 -14.19 15.58 -7.34
N THR A 70 -13.26 15.85 -8.24
CA THR A 70 -12.42 14.80 -8.80
C THR A 70 -10.93 15.00 -8.47
N LYS A 71 -10.38 14.06 -7.71
CA LYS A 71 -8.96 14.06 -7.32
C LYS A 71 -8.13 13.42 -8.43
N ALA A 72 -6.85 13.76 -8.49
CA ALA A 72 -5.98 13.25 -9.56
C ALA A 72 -4.56 12.91 -9.13
N ALA A 73 -3.82 12.28 -10.05
CA ALA A 73 -2.44 11.87 -9.79
C ALA A 73 -1.78 11.43 -11.08
N CYS A 74 -0.57 11.92 -11.32
CA CYS A 74 0.19 11.54 -12.51
C CYS A 74 0.47 10.04 -12.50
N PRO A 75 1.26 9.57 -13.48
CA PRO A 75 1.79 8.22 -13.24
C PRO A 75 2.72 8.39 -12.06
N THR A 76 3.34 7.32 -11.57
CA THR A 76 4.35 7.47 -10.52
C THR A 76 3.87 8.38 -9.42
N MET A 77 2.61 8.22 -9.02
CA MET A 77 2.04 9.02 -7.96
C MET A 77 0.90 8.22 -7.39
N GLY A 78 0.90 6.93 -7.75
CA GLY A 78 -0.03 5.96 -7.21
C GLY A 78 -1.51 6.15 -7.51
N GLU A 79 -2.31 5.63 -6.60
CA GLU A 79 -3.76 5.60 -6.76
C GLU A 79 -4.40 6.84 -6.17
N ALA A 80 -4.82 7.75 -7.03
CA ALA A 80 -5.58 8.92 -6.60
C ALA A 80 -6.73 8.49 -5.71
N HIS A 81 -6.87 9.12 -4.54
CA HIS A 81 -7.95 8.81 -3.61
C HIS A 81 -8.73 10.07 -3.26
N ASN A 82 -10.03 10.05 -3.57
CA ASN A 82 -10.91 11.17 -3.21
C ASN A 82 -11.31 11.08 -1.75
N ASP A 83 -11.08 12.15 -1.02
CA ASP A 83 -11.38 12.18 0.40
C ASP A 83 -12.87 11.98 0.71
N LYS A 84 -13.74 12.46 -0.17
CA LYS A 84 -15.18 12.28 0.02
C LYS A 84 -15.57 10.80 -0.01
N ARG A 85 -14.65 9.97 -0.50
CA ARG A 85 -14.83 8.52 -0.53
C ARG A 85 -15.12 7.95 0.86
N ALA A 86 -15.12 8.82 1.86
CA ALA A 86 -15.37 8.40 3.24
C ALA A 86 -16.79 8.75 3.66
N ASP A 87 -17.53 9.38 2.76
CA ASP A 87 -18.91 9.78 3.03
C ASP A 87 -19.91 8.95 2.21
N PRO A 88 -20.81 8.25 2.89
CA PRO A 88 -21.80 7.36 2.28
C PRO A 88 -22.61 8.04 1.18
N ALA A 89 -22.98 9.30 1.39
CA ALA A 89 -23.81 10.02 0.43
C ALA A 89 -23.14 10.13 -0.94
N PHE A 90 -21.84 9.88 -0.99
CA PHE A 90 -21.11 10.04 -2.23
C PHE A 90 -20.86 8.73 -2.96
N VAL A 91 -20.96 8.77 -4.28
CA VAL A 91 -20.63 7.64 -5.13
C VAL A 91 -19.37 7.97 -5.89
N CYS A 92 -18.38 7.08 -5.78
CA CYS A 92 -17.06 7.36 -6.35
C CYS A 92 -16.61 6.30 -7.34
N ARG A 93 -16.04 6.74 -8.46
CA ARG A 93 -15.54 5.83 -9.48
C ARG A 93 -14.10 6.17 -9.85
N GLN A 94 -13.17 5.39 -9.33
CA GLN A 94 -11.76 5.61 -9.67
C GLN A 94 -11.54 5.35 -11.16
N GLY A 95 -10.82 6.25 -11.81
CA GLY A 95 -10.64 6.15 -13.25
C GLY A 95 -9.20 6.33 -13.69
N VAL A 96 -9.03 6.73 -14.95
CA VAL A 96 -7.72 6.84 -15.56
C VAL A 96 -7.77 7.81 -16.74
N VAL A 97 -6.67 8.53 -16.95
CA VAL A 97 -6.65 9.60 -17.93
C VAL A 97 -5.23 9.87 -18.43
N ASP A 98 -5.12 10.32 -19.66
CA ASP A 98 -3.81 10.66 -20.22
C ASP A 98 -3.21 11.81 -19.43
N ARG A 99 -1.89 11.82 -19.31
CA ARG A 99 -1.17 12.84 -18.56
C ARG A 99 0.19 13.12 -19.20
N GLY A 100 0.79 14.25 -18.86
CA GLY A 100 2.07 14.63 -19.43
C GLY A 100 2.51 16.03 -19.06
N TRP A 101 3.59 16.50 -19.67
CA TRP A 101 4.12 17.83 -19.40
C TRP A 101 3.01 18.87 -19.35
N GLY A 102 2.14 18.83 -20.36
CA GLY A 102 1.09 19.82 -20.51
C GLY A 102 0.19 19.99 -19.31
N ASN A 103 0.37 19.16 -18.29
CA ASN A 103 -0.40 19.29 -17.06
C ASN A 103 0.37 18.95 -15.79
N GLY A 104 1.62 19.41 -15.72
CA GLY A 104 2.43 19.24 -14.51
C GLY A 104 2.81 17.82 -14.18
N CYS A 105 3.20 17.06 -15.20
CA CYS A 105 3.76 15.72 -15.02
C CYS A 105 4.95 15.54 -15.95
N GLY A 106 6.06 15.06 -15.41
CA GLY A 106 7.29 14.96 -16.17
C GLY A 106 7.37 13.69 -16.97
N LEU A 107 6.30 12.90 -16.91
CA LEU A 107 6.31 11.60 -17.54
C LEU A 107 4.94 11.19 -18.11
N PHE A 108 4.83 11.31 -19.43
CA PHE A 108 3.62 10.98 -20.17
C PHE A 108 3.17 9.56 -19.86
N GLY A 109 1.92 9.41 -19.42
CA GLY A 109 1.40 8.12 -19.04
C GLY A 109 0.05 8.23 -18.39
N LYS A 110 -0.52 7.10 -18.00
CA LYS A 110 -1.85 7.11 -17.43
C LYS A 110 -1.80 7.50 -15.96
N GLY A 111 -2.36 8.67 -15.65
CA GLY A 111 -2.46 9.13 -14.28
C GLY A 111 -3.73 8.65 -13.60
N SER A 112 -3.63 8.38 -12.31
CA SER A 112 -4.80 7.95 -11.55
C SER A 112 -5.80 9.09 -11.47
N ILE A 113 -7.00 8.79 -10.98
CA ILE A 113 -8.08 9.77 -10.92
C ILE A 113 -9.21 9.18 -10.10
N ASP A 114 -9.83 10.00 -9.27
CA ASP A 114 -10.95 9.53 -8.47
C ASP A 114 -12.06 10.57 -8.46
N THR A 115 -13.22 10.22 -9.01
CA THR A 115 -14.33 11.17 -9.10
C THR A 115 -15.46 10.82 -8.14
N CYS A 116 -15.87 11.82 -7.36
CA CYS A 116 -16.94 11.64 -6.39
C CYS A 116 -18.11 12.58 -6.62
N ALA A 117 -19.30 12.12 -6.26
CA ALA A 117 -20.51 12.93 -6.39
C ALA A 117 -21.61 12.43 -5.45
N LYS A 118 -22.32 13.36 -4.85
CA LYS A 118 -23.39 13.02 -3.93
C LYS A 118 -24.58 12.48 -4.70
N PHE A 119 -25.28 11.53 -4.11
CA PHE A 119 -26.49 10.98 -4.71
C PHE A 119 -27.70 11.36 -3.88
N ALA A 120 -28.67 11.99 -4.54
CA ALA A 120 -29.94 12.34 -3.89
C ALA A 120 -31.11 11.89 -4.74
N CYS A 121 -32.21 11.55 -4.09
CA CYS A 121 -33.40 11.09 -4.81
C CYS A 121 -34.48 12.17 -4.88
N SER A 122 -35.12 12.29 -6.03
CA SER A 122 -36.17 13.29 -6.22
C SER A 122 -37.55 12.66 -6.32
N THR A 123 -37.59 11.37 -6.68
CA THR A 123 -38.87 10.66 -6.79
C THR A 123 -38.72 9.17 -6.50
N LYS A 124 -39.52 8.68 -5.55
CA LYS A 124 -39.48 7.28 -5.17
C LYS A 124 -40.71 6.54 -5.69
N ALA A 125 -40.49 5.31 -6.16
CA ALA A 125 -41.58 4.40 -6.48
C ALA A 125 -41.76 3.48 -5.28
N ILE A 126 -42.68 3.85 -4.39
CA ILE A 126 -42.82 3.16 -3.12
C ILE A 126 -43.60 1.84 -3.23
N GLY A 127 -42.94 0.75 -2.84
CA GLY A 127 -43.55 -0.57 -2.88
C GLY A 127 -44.08 -1.00 -1.53
N ARG A 128 -45.34 -1.45 -1.50
CA ARG A 128 -46.01 -1.73 -0.25
C ARG A 128 -46.57 -3.16 -0.22
N THR A 129 -46.93 -3.62 0.99
CA THR A 129 -47.39 -4.99 1.16
C THR A 129 -48.62 -5.09 2.08
N ILE A 130 -49.41 -6.15 1.90
CA ILE A 130 -50.63 -6.35 2.68
C ILE A 130 -50.81 -7.80 3.11
N LEU A 131 -51.63 -8.01 4.14
CA LEU A 131 -52.01 -9.35 4.57
C LEU A 131 -53.36 -9.37 5.30
N LYS A 132 -53.70 -10.56 5.83
CA LYS A 132 -54.97 -10.78 6.51
C LYS A 132 -55.28 -9.75 7.60
N GLU A 133 -54.24 -9.30 8.29
CA GLU A 133 -54.40 -8.44 9.46
C GLU A 133 -54.81 -7.01 9.08
N ASN A 134 -55.16 -6.80 7.81
CA ASN A 134 -55.44 -5.46 7.32
C ASN A 134 -56.52 -5.35 6.24
N ILE A 135 -56.98 -6.48 5.70
CA ILE A 135 -57.94 -6.43 4.61
C ILE A 135 -59.40 -6.36 5.08
N LYS A 136 -60.08 -5.29 4.66
CA LYS A 136 -61.47 -5.06 5.03
C LYS A 136 -62.44 -5.68 4.02
N TYR A 137 -63.69 -5.86 4.46
CA TYR A 137 -64.73 -6.39 3.60
C TYR A 137 -66.07 -5.72 3.90
N GLU A 138 -66.44 -4.74 3.08
CA GLU A 138 -67.73 -4.09 3.23
C GLU A 138 -68.88 -5.06 3.01
N VAL A 139 -69.80 -5.09 3.96
CA VAL A 139 -70.94 -6.00 3.90
C VAL A 139 -72.20 -5.25 4.32
N ALA A 140 -72.92 -4.74 3.33
CA ALA A 140 -74.19 -4.06 3.61
C ALA A 140 -75.28 -5.06 3.95
N ILE A 141 -76.19 -4.66 4.82
CA ILE A 141 -77.31 -5.49 5.22
C ILE A 141 -78.60 -4.69 5.21
N PHE A 142 -79.62 -5.22 4.55
CA PHE A 142 -80.91 -4.56 4.46
C PHE A 142 -81.97 -5.35 5.21
N VAL A 143 -83.07 -4.69 5.54
CA VAL A 143 -84.22 -5.35 6.16
C VAL A 143 -85.48 -4.66 5.66
N HIS A 144 -86.55 -5.43 5.43
CA HIS A 144 -87.77 -4.87 4.84
C HIS A 144 -89.01 -5.05 5.72
N GLN A 163 -83.44 1.04 8.78
CA GLN A 163 -83.82 -0.19 8.10
C GLN A 163 -82.59 -0.97 7.62
N ALA A 164 -81.45 -0.30 7.49
CA ALA A 164 -80.22 -0.96 7.04
C ALA A 164 -78.88 -0.43 7.64
N GLY A 165 -77.83 -0.38 6.81
CA GLY A 165 -76.51 -0.01 7.25
C GLY A 165 -75.42 -1.00 6.83
N ARG A 166 -74.17 -0.53 6.76
CA ARG A 166 -73.06 -1.37 6.32
C ARG A 166 -71.98 -1.55 7.38
N PHE A 167 -70.99 -2.40 7.08
CA PHE A 167 -69.84 -2.60 7.97
C PHE A 167 -68.74 -3.36 7.26
N SER A 168 -67.62 -3.56 7.95
CA SER A 168 -66.49 -4.23 7.34
C SER A 168 -66.07 -5.48 8.12
N ILE A 169 -65.42 -6.40 7.41
CA ILE A 169 -65.10 -7.71 7.96
C ILE A 169 -63.68 -8.11 7.62
N THR A 170 -62.96 -8.60 8.62
CA THR A 170 -61.56 -9.00 8.43
C THR A 170 -61.35 -10.47 8.74
N PRO A 171 -60.33 -11.08 8.14
CA PRO A 171 -59.95 -12.46 8.44
C PRO A 171 -59.54 -12.60 9.89
N ALA A 172 -59.21 -11.49 10.52
CA ALA A 172 -58.89 -11.46 11.94
C ALA A 172 -60.19 -11.59 12.74
N ALA A 173 -61.03 -10.56 12.64
CA ALA A 173 -62.35 -10.58 13.25
C ALA A 173 -63.46 -10.66 12.19
N PRO A 174 -63.80 -11.89 11.77
CA PRO A 174 -64.71 -12.15 10.65
C PRO A 174 -66.20 -11.92 10.96
N SER A 175 -66.65 -12.36 12.14
CA SER A 175 -68.05 -12.23 12.50
C SER A 175 -68.42 -10.77 12.77
N TYR A 176 -69.67 -10.53 13.13
CA TYR A 176 -70.15 -9.18 13.42
C TYR A 176 -71.65 -9.18 13.66
N THR A 177 -72.06 -8.59 14.79
CA THR A 177 -73.47 -8.52 15.18
C THR A 177 -74.04 -7.13 14.91
N LEU A 178 -75.08 -7.07 14.08
CA LEU A 178 -75.68 -5.79 13.73
C LEU A 178 -77.00 -5.63 14.46
N LYS A 179 -77.07 -4.62 15.32
CA LYS A 179 -78.30 -4.28 16.00
C LYS A 179 -79.23 -3.62 15.01
N LEU A 180 -80.46 -4.11 14.94
CA LEU A 180 -81.43 -3.62 13.97
C LEU A 180 -82.59 -2.94 14.68
N GLY A 181 -82.44 -2.72 15.97
CA GLY A 181 -83.48 -2.10 16.76
C GLY A 181 -84.71 -2.97 16.86
N GLU A 182 -85.87 -2.38 16.57
CA GLU A 182 -87.15 -3.07 16.72
C GLU A 182 -87.25 -4.30 15.81
N TYR A 183 -86.29 -4.46 14.90
CA TYR A 183 -86.27 -5.61 14.01
C TYR A 183 -85.52 -6.80 14.64
N GLY A 184 -84.53 -6.52 15.48
CA GLY A 184 -83.72 -7.55 16.09
C GLY A 184 -82.25 -7.35 15.75
N GLU A 185 -81.48 -8.44 15.76
CA GLU A 185 -80.05 -8.37 15.40
C GLU A 185 -79.61 -9.63 14.64
N VAL A 186 -78.37 -9.62 14.14
CA VAL A 186 -77.87 -10.77 13.39
C VAL A 186 -76.35 -10.96 13.53
N THR A 187 -75.95 -12.14 13.98
CA THR A 187 -74.54 -12.52 13.93
C THR A 187 -74.24 -12.89 12.49
N VAL A 188 -73.00 -12.66 12.05
CA VAL A 188 -72.61 -13.03 10.70
C VAL A 188 -71.17 -13.55 10.66
N ASP A 189 -70.99 -14.82 11.01
CA ASP A 189 -69.68 -15.47 10.92
C ASP A 189 -69.20 -15.39 9.48
N CYS A 190 -67.91 -15.51 9.26
CA CYS A 190 -67.40 -15.42 7.89
C CYS A 190 -66.08 -16.15 7.61
N GLU A 191 -65.73 -16.17 6.33
CA GLU A 191 -64.50 -16.78 5.85
C GLU A 191 -64.07 -15.97 4.64
N PRO A 192 -63.22 -14.97 4.85
CA PRO A 192 -62.91 -13.92 3.88
C PRO A 192 -61.84 -14.29 2.86
N ARG A 193 -61.91 -15.48 2.29
CA ARG A 193 -60.98 -15.84 1.21
C ARG A 193 -61.04 -14.79 0.11
N SER A 194 -59.97 -14.67 -0.66
CA SER A 194 -59.93 -13.72 -1.76
C SER A 194 -59.50 -14.39 -3.06
N GLY A 195 -58.86 -13.62 -3.93
CA GLY A 195 -58.35 -14.14 -5.19
C GLY A 195 -56.85 -13.99 -5.30
N ILE A 196 -56.36 -12.82 -4.92
CA ILE A 196 -54.93 -12.53 -4.95
C ILE A 196 -54.14 -13.46 -4.02
N ASP A 197 -52.93 -13.82 -4.47
CA ASP A 197 -52.00 -14.55 -3.62
C ASP A 197 -51.33 -13.57 -2.66
N THR A 198 -51.93 -13.39 -1.49
CA THR A 198 -51.35 -12.51 -0.48
C THR A 198 -49.94 -12.96 -0.16
N ASN A 199 -49.06 -11.99 0.12
CA ASN A 199 -47.65 -12.28 0.32
C ASN A 199 -47.02 -12.89 -0.93
N ALA A 200 -47.47 -12.41 -2.09
CA ALA A 200 -46.89 -12.83 -3.36
C ALA A 200 -46.89 -11.66 -4.34
N TYR A 201 -47.59 -10.59 -3.98
CA TYR A 201 -47.69 -9.40 -4.82
C TYR A 201 -47.35 -8.14 -4.04
N TYR A 202 -47.16 -7.04 -4.74
CA TYR A 202 -46.87 -5.76 -4.09
C TYR A 202 -47.61 -4.61 -4.74
N VAL A 203 -47.75 -3.51 -4.00
CA VAL A 203 -48.44 -2.34 -4.51
C VAL A 203 -47.45 -1.25 -4.94
N MET A 204 -47.16 -1.22 -6.24
CA MET A 204 -46.23 -0.23 -6.78
C MET A 204 -46.94 1.08 -7.06
N THR A 205 -46.22 2.18 -6.89
CA THR A 205 -46.80 3.50 -7.09
C THR A 205 -45.87 4.38 -7.92
N VAL A 206 -46.03 4.34 -9.24
CA VAL A 206 -45.26 5.21 -10.11
C VAL A 206 -46.07 6.46 -10.37
N GLY A 207 -45.50 7.62 -10.05
CA GLY A 207 -46.23 8.87 -10.18
C GLY A 207 -47.55 8.81 -9.44
N THR A 208 -48.63 9.13 -10.12
CA THR A 208 -49.95 9.05 -9.50
C THR A 208 -50.57 7.66 -9.67
N LYS A 209 -50.38 7.07 -10.84
CA LYS A 209 -50.88 5.72 -11.10
C LYS A 209 -50.29 4.72 -10.12
N THR A 210 -51.13 3.82 -9.61
CA THR A 210 -50.68 2.73 -8.75
C THR A 210 -50.90 1.41 -9.50
N PHE A 211 -49.99 0.46 -9.30
CA PHE A 211 -50.02 -0.81 -10.01
C PHE A 211 -49.82 -1.99 -9.07
N LEU A 212 -49.91 -3.19 -9.63
CA LEU A 212 -49.74 -4.41 -8.85
C LEU A 212 -48.64 -5.28 -9.44
N VAL A 213 -47.42 -5.09 -8.97
CA VAL A 213 -46.28 -5.80 -9.49
C VAL A 213 -46.22 -7.23 -8.97
N HIS A 214 -45.60 -8.10 -9.76
CA HIS A 214 -45.50 -9.50 -9.41
C HIS A 214 -44.23 -9.78 -8.62
N ARG A 215 -44.41 -10.09 -7.34
CA ARG A 215 -43.33 -10.51 -6.45
C ARG A 215 -41.93 -10.15 -6.97
N GLU A 216 -41.31 -11.10 -7.67
CA GLU A 216 -39.92 -10.94 -8.10
C GLU A 216 -39.70 -9.75 -9.02
N TRP A 217 -40.51 -9.63 -10.06
CA TRP A 217 -40.37 -8.55 -11.02
C TRP A 217 -40.08 -7.22 -10.32
N PHE A 218 -40.67 -7.03 -9.14
CA PHE A 218 -40.45 -5.84 -8.34
C PHE A 218 -39.01 -5.76 -7.85
N MET A 219 -38.63 -6.70 -6.99
CA MET A 219 -37.28 -6.76 -6.46
C MET A 219 -36.31 -7.39 -7.47
N ASP A 220 -36.57 -7.12 -8.75
CA ASP A 220 -35.72 -7.60 -9.83
C ASP A 220 -35.47 -6.43 -10.78
N LEU A 221 -35.91 -5.24 -10.40
CA LEU A 221 -35.69 -4.04 -11.20
C LEU A 221 -34.33 -3.43 -10.90
N ASN A 222 -33.64 -3.02 -11.96
CA ASN A 222 -32.32 -2.41 -11.83
C ASN A 222 -32.43 -0.91 -11.66
N LEU A 223 -32.54 -0.49 -10.40
CA LEU A 223 -32.70 0.91 -10.01
C LEU A 223 -32.23 1.12 -8.58
N PRO A 224 -31.90 2.38 -8.22
CA PRO A 224 -31.52 2.70 -6.84
C PRO A 224 -32.69 2.43 -5.90
N TRP A 225 -32.43 1.80 -4.76
CA TRP A 225 -33.51 1.40 -3.85
C TRP A 225 -33.24 1.54 -2.36
N SER A 226 -34.13 2.23 -1.67
CA SER A 226 -34.14 2.25 -0.21
C SER A 226 -34.78 0.96 0.27
N SER A 227 -34.69 0.68 1.56
CA SER A 227 -35.29 -0.52 2.12
C SER A 227 -36.38 -0.20 3.13
N ALA A 228 -36.36 -0.88 4.28
CA ALA A 228 -37.36 -0.66 5.32
C ALA A 228 -37.02 0.59 6.12
N GLY A 229 -37.70 1.69 5.79
CA GLY A 229 -37.48 2.96 6.47
C GLY A 229 -36.04 3.41 6.39
N SER A 230 -35.30 2.83 5.46
CA SER A 230 -33.87 3.12 5.32
C SER A 230 -33.63 4.47 4.67
N THR A 231 -32.45 5.02 4.92
CA THR A 231 -32.03 6.28 4.34
C THR A 231 -30.86 6.01 3.40
N VAL A 232 -30.68 4.74 3.06
CA VAL A 232 -29.51 4.33 2.30
C VAL A 232 -29.89 3.80 0.93
N TRP A 233 -29.71 4.65 -0.09
CA TRP A 233 -29.96 4.24 -1.46
C TRP A 233 -28.83 3.35 -1.95
N ARG A 234 -29.19 2.17 -2.47
CA ARG A 234 -28.21 1.24 -2.99
C ARG A 234 -28.37 1.12 -4.51
N ASN A 235 -27.38 0.54 -5.18
CA ASN A 235 -27.39 0.43 -6.64
C ASN A 235 -27.67 1.77 -7.31
N ARG A 236 -26.83 2.76 -7.01
CA ARG A 236 -27.07 4.12 -7.47
C ARG A 236 -26.54 4.41 -8.87
N GLU A 237 -25.33 3.94 -9.16
CA GLU A 237 -24.70 4.24 -10.45
C GLU A 237 -25.71 4.21 -11.59
N THR A 238 -26.69 3.32 -11.47
CA THR A 238 -27.72 3.14 -12.49
C THR A 238 -28.29 4.42 -13.10
N LEU A 239 -28.28 5.51 -12.32
CA LEU A 239 -28.96 6.73 -12.77
C LEU A 239 -28.04 7.91 -13.10
N MET A 240 -26.72 7.70 -13.03
CA MET A 240 -25.78 8.80 -13.27
C MET A 240 -24.65 8.42 -14.22
N GLU A 241 -24.42 9.27 -15.22
CA GLU A 241 -23.43 8.99 -16.26
C GLU A 241 -22.07 9.61 -15.94
N PHE A 242 -21.07 8.77 -15.69
CA PHE A 242 -19.70 9.24 -15.54
C PHE A 242 -19.12 9.53 -16.91
N GLU A 243 -19.07 10.79 -17.28
CA GLU A 243 -18.68 11.16 -18.64
C GLU A 243 -17.18 11.06 -18.90
N GLU A 244 -16.79 11.27 -20.16
CA GLU A 244 -15.38 11.22 -20.56
C GLU A 244 -14.47 11.97 -19.59
N PRO A 245 -13.40 11.29 -19.14
CA PRO A 245 -12.39 11.87 -18.25
C PRO A 245 -11.77 13.12 -18.85
N HIS A 246 -10.93 13.80 -18.06
CA HIS A 246 -10.36 15.08 -18.45
C HIS A 246 -9.35 15.48 -17.40
N ALA A 247 -8.05 15.34 -17.71
CA ALA A 247 -6.97 15.55 -16.74
C ALA A 247 -7.39 16.36 -15.50
N THR A 248 -7.92 17.55 -15.72
CA THR A 248 -8.39 18.41 -14.63
C THR A 248 -9.50 17.75 -13.80
N LYS A 249 -10.74 17.79 -14.30
CA LYS A 249 -11.88 17.16 -13.61
C LYS A 249 -12.64 16.22 -14.55
N GLN A 250 -13.82 15.78 -14.14
CA GLN A 250 -14.61 14.86 -14.95
C GLN A 250 -16.12 15.06 -14.76
N SER A 251 -16.80 15.41 -15.85
CA SER A 251 -18.23 15.70 -15.78
C SER A 251 -19.07 14.46 -15.42
N VAL A 252 -20.05 14.67 -14.55
CA VAL A 252 -20.97 13.60 -14.16
C VAL A 252 -22.40 14.13 -14.15
N ILE A 253 -23.30 13.42 -14.82
CA ILE A 253 -24.71 13.81 -14.87
C ILE A 253 -25.65 12.75 -14.32
N ALA A 254 -26.92 13.11 -14.19
CA ALA A 254 -27.95 12.16 -13.80
C ALA A 254 -28.93 11.96 -14.95
N LEU A 255 -29.40 10.73 -15.13
CA LEU A 255 -30.31 10.40 -16.23
C LEU A 255 -31.70 11.01 -16.04
N GLY A 256 -32.36 11.30 -17.15
CA GLY A 256 -33.69 11.89 -17.13
C GLY A 256 -34.68 11.02 -16.38
N SER A 257 -35.95 11.43 -16.38
CA SER A 257 -36.96 10.70 -15.64
C SER A 257 -37.11 9.29 -16.18
N GLN A 258 -37.47 8.35 -15.31
CA GLN A 258 -37.73 6.99 -15.72
C GLN A 258 -39.23 6.73 -15.77
N GLU A 259 -39.99 7.59 -15.10
CA GLU A 259 -41.44 7.51 -15.10
C GLU A 259 -41.92 6.98 -16.45
N GLY A 260 -41.47 7.65 -17.51
CA GLY A 260 -41.82 7.23 -18.87
C GLY A 260 -41.47 5.77 -19.11
N ALA A 261 -40.17 5.48 -19.18
CA ALA A 261 -39.69 4.12 -19.43
C ALA A 261 -39.98 3.17 -18.27
N LEU A 262 -40.82 3.61 -17.34
CA LEU A 262 -41.24 2.78 -16.23
C LEU A 262 -42.70 2.41 -16.43
N HIS A 263 -43.47 3.35 -16.96
CA HIS A 263 -44.84 3.08 -17.38
C HIS A 263 -44.84 2.12 -18.56
N GLN A 264 -43.92 2.34 -19.49
CA GLN A 264 -43.83 1.52 -20.71
C GLN A 264 -43.66 0.04 -20.39
N ALA A 265 -42.74 -0.29 -19.49
CA ALA A 265 -42.52 -1.68 -19.10
C ALA A 265 -43.33 -2.05 -17.87
N LEU A 266 -44.46 -1.37 -17.68
CA LEU A 266 -45.35 -1.62 -16.55
C LEU A 266 -46.77 -1.21 -16.88
N ALA A 267 -47.42 -1.97 -17.76
CA ALA A 267 -48.81 -1.73 -18.11
C ALA A 267 -49.60 -3.03 -18.03
N GLY A 268 -48.88 -4.14 -17.98
CA GLY A 268 -49.48 -5.46 -17.85
C GLY A 268 -49.95 -5.74 -16.44
N ALA A 269 -49.41 -4.99 -15.48
CA ALA A 269 -49.84 -5.11 -14.10
C ALA A 269 -51.25 -4.55 -13.94
N ILE A 270 -51.86 -4.80 -12.78
CA ILE A 270 -53.24 -4.38 -12.53
C ILE A 270 -53.34 -2.92 -12.08
N PRO A 271 -53.88 -2.05 -12.95
CA PRO A 271 -54.09 -0.64 -12.62
C PRO A 271 -55.06 -0.47 -11.45
N VAL A 272 -54.63 0.22 -10.41
CA VAL A 272 -55.44 0.37 -9.20
C VAL A 272 -55.37 1.80 -8.67
N GLU A 273 -56.26 2.14 -7.74
CA GLU A 273 -56.23 3.44 -7.10
C GLU A 273 -55.83 3.33 -5.63
N PHE A 274 -54.74 3.99 -5.26
CA PHE A 274 -54.25 3.99 -3.89
C PHE A 274 -54.89 5.15 -3.12
N SER A 275 -56.18 5.34 -3.31
CA SER A 275 -56.90 6.45 -2.69
C SER A 275 -56.81 6.44 -1.17
N SER A 276 -56.02 7.35 -0.63
CA SER A 276 -55.93 7.58 0.81
C SER A 276 -55.50 6.35 1.62
N ASN A 277 -54.29 5.88 1.38
CA ASN A 277 -53.71 4.82 2.20
C ASN A 277 -54.52 3.51 2.18
N THR A 278 -55.33 3.33 1.14
CA THR A 278 -56.12 2.10 0.97
C THR A 278 -56.12 1.63 -0.48
N VAL A 279 -56.59 0.41 -0.71
CA VAL A 279 -56.57 -0.18 -2.06
C VAL A 279 -57.86 -0.93 -2.42
N LYS A 280 -58.51 -0.49 -3.49
CA LYS A 280 -59.70 -1.17 -4.01
C LYS A 280 -59.34 -2.35 -4.90
N LEU A 281 -59.93 -3.51 -4.63
CA LEU A 281 -59.73 -4.68 -5.47
C LEU A 281 -61.03 -5.22 -6.04
N THR A 282 -61.00 -6.47 -6.49
CA THR A 282 -62.15 -7.11 -7.13
C THR A 282 -62.21 -8.61 -6.83
N SER A 283 -61.07 -9.27 -6.94
CA SER A 283 -60.97 -10.71 -6.72
C SER A 283 -61.22 -11.08 -5.27
N GLY A 284 -62.49 -11.12 -4.87
CA GLY A 284 -62.84 -11.47 -3.52
C GLY A 284 -64.19 -12.14 -3.40
N HIS A 285 -64.48 -12.68 -2.22
CA HIS A 285 -65.74 -13.36 -1.98
C HIS A 285 -65.79 -13.89 -0.56
N LEU A 286 -66.99 -13.98 0.01
CA LEU A 286 -67.11 -14.48 1.36
C LEU A 286 -68.09 -15.64 1.48
N LYS A 287 -67.72 -16.64 2.26
CA LYS A 287 -68.65 -17.67 2.68
C LYS A 287 -69.06 -17.38 4.12
N CYS A 288 -70.32 -17.00 4.29
CA CYS A 288 -70.78 -16.55 5.59
C CYS A 288 -71.94 -17.37 6.14
N ARG A 289 -71.89 -17.61 7.45
CA ARG A 289 -73.00 -18.20 8.19
C ARG A 289 -73.84 -17.08 8.77
N VAL A 290 -75.09 -16.98 8.33
CA VAL A 290 -75.98 -15.92 8.80
C VAL A 290 -76.89 -16.41 9.92
N LYS A 291 -76.57 -16.01 11.15
CA LYS A 291 -77.37 -16.41 12.31
C LYS A 291 -78.60 -15.54 12.43
N MET A 292 -79.63 -15.90 11.68
CA MET A 292 -80.90 -15.16 11.66
C MET A 292 -81.67 -15.34 12.96
N GLU A 293 -81.23 -16.29 13.77
CA GLU A 293 -81.85 -16.59 15.05
C GLU A 293 -82.28 -15.34 15.83
N LYS A 294 -81.33 -14.44 16.04
CA LYS A 294 -81.54 -13.29 16.91
C LYS A 294 -82.60 -12.35 16.35
N LEU A 295 -83.09 -12.67 15.15
CA LEU A 295 -84.01 -11.79 14.42
C LEU A 295 -85.45 -11.93 14.93
N GLN A 296 -86.15 -10.80 15.00
CA GLN A 296 -87.49 -10.77 15.57
C GLN A 296 -88.57 -11.09 14.56
N LEU A 297 -89.50 -11.95 14.96
CA LEU A 297 -90.59 -12.39 14.09
C LEU A 297 -91.40 -11.22 13.52
N GLN B 1 23.98 11.00 -24.33
CA GLN B 1 23.60 11.02 -22.92
C GLN B 1 24.06 12.30 -22.23
N ILE B 2 23.29 12.74 -21.24
CA ILE B 2 23.60 13.95 -20.49
C ILE B 2 24.37 13.64 -19.20
N VAL B 3 25.60 14.12 -19.13
CA VAL B 3 26.52 13.79 -18.04
C VAL B 3 26.50 14.81 -16.90
N LEU B 4 26.35 14.31 -15.67
CA LEU B 4 26.30 15.17 -14.50
C LEU B 4 27.65 15.20 -13.78
N THR B 5 28.51 16.13 -14.18
CA THR B 5 29.82 16.28 -13.56
C THR B 5 29.71 17.16 -12.32
N ARG B 6 30.06 16.58 -11.17
CA ARG B 6 29.88 17.26 -9.89
C ARG B 6 31.10 18.06 -9.48
N THR B 7 30.87 19.31 -9.09
CA THR B 7 31.93 20.17 -8.59
C THR B 7 32.13 19.96 -7.09
N GLY B 8 33.39 19.88 -6.68
CA GLY B 8 33.71 19.61 -5.29
C GLY B 8 33.71 18.12 -5.01
N GLY B 9 34.76 17.44 -5.49
CA GLY B 9 34.88 15.99 -5.33
C GLY B 9 34.80 15.54 -3.88
N ILE B 10 35.67 16.12 -3.05
CA ILE B 10 35.62 15.89 -1.60
C ILE B 10 35.85 17.22 -0.90
N MET B 11 35.31 17.35 0.31
CA MET B 11 35.42 18.60 1.04
C MET B 11 35.15 18.42 2.54
N SER B 12 35.76 19.28 3.35
CA SER B 12 35.53 19.27 4.78
C SER B 12 34.80 20.54 5.18
N ALA B 13 34.10 20.49 6.32
CA ALA B 13 33.36 21.63 6.83
C ALA B 13 33.27 21.61 8.35
N SER B 14 33.59 22.74 8.97
CA SER B 14 33.53 22.87 10.43
C SER B 14 32.10 23.17 10.86
N PRO B 15 31.64 22.53 11.94
CA PRO B 15 30.26 22.72 12.41
C PRO B 15 29.82 24.19 12.37
N GLY B 16 28.54 24.42 12.13
CA GLY B 16 28.02 25.77 11.95
C GLY B 16 28.40 26.40 10.62
N GLU B 17 29.32 25.79 9.89
CA GLU B 17 29.84 26.38 8.65
C GLU B 17 29.00 26.04 7.41
N LYS B 18 28.77 27.06 6.59
CA LYS B 18 27.93 26.94 5.39
C LYS B 18 28.68 26.23 4.27
N VAL B 19 27.99 25.27 3.65
CA VAL B 19 28.60 24.39 2.67
C VAL B 19 27.82 24.40 1.36
N THR B 20 28.52 24.27 0.24
CA THR B 20 27.88 24.30 -1.07
C THR B 20 28.59 23.45 -2.10
N MET B 21 27.85 22.47 -2.63
CA MET B 21 28.33 21.62 -3.70
C MET B 21 27.63 21.95 -5.01
N THR B 22 28.28 21.67 -6.12
CA THR B 22 27.74 22.06 -7.42
C THR B 22 27.49 20.87 -8.32
N CYS B 23 26.43 20.97 -9.11
CA CYS B 23 26.08 19.95 -10.08
C CYS B 23 26.08 20.59 -11.46
N SER B 24 27.13 20.36 -12.22
CA SER B 24 27.23 20.89 -13.58
C SER B 24 26.73 19.85 -14.58
N ALA B 25 25.89 20.27 -15.52
CA ALA B 25 25.30 19.37 -16.50
C ALA B 25 25.70 19.69 -17.95
N SER B 26 26.07 18.64 -18.69
CA SER B 26 26.49 18.79 -20.07
C SER B 26 25.31 18.93 -21.04
N SER B 27 24.33 19.74 -20.65
CA SER B 27 23.11 19.91 -21.44
C SER B 27 22.03 20.55 -20.59
N SER B 28 21.15 21.33 -21.22
CA SER B 28 20.04 21.96 -20.53
C SER B 28 19.24 20.94 -19.73
N VAL B 29 18.48 21.42 -18.76
CA VAL B 29 17.72 20.52 -17.88
C VAL B 29 16.52 21.22 -17.26
N SER B 30 15.50 20.43 -16.93
CA SER B 30 14.31 20.96 -16.28
C SER B 30 14.49 21.00 -14.76
N TYR B 31 14.62 19.82 -14.15
CA TYR B 31 14.76 19.73 -12.70
C TYR B 31 15.99 18.90 -12.32
N MET B 32 16.42 19.03 -11.07
CA MET B 32 17.51 18.23 -10.54
C MET B 32 17.18 17.71 -9.16
N HIS B 33 17.46 16.43 -8.91
CA HIS B 33 17.20 15.83 -7.60
C HIS B 33 18.51 15.58 -6.88
N TRP B 34 18.44 15.48 -5.55
CA TRP B 34 19.65 15.19 -4.79
C TRP B 34 19.39 14.07 -3.80
N TYR B 35 20.36 13.17 -3.70
CA TYR B 35 20.29 12.05 -2.79
C TYR B 35 21.45 12.07 -1.78
N GLN B 36 21.18 11.57 -0.59
CA GLN B 36 22.20 11.48 0.45
C GLN B 36 22.46 10.03 0.80
N GLN B 37 23.71 9.62 0.74
CA GLN B 37 24.05 8.27 1.15
C GLN B 37 25.12 8.28 2.23
N LYS B 38 24.76 7.77 3.40
CA LYS B 38 25.69 7.67 4.50
C LYS B 38 26.38 6.31 4.41
N SER B 39 27.70 6.31 4.59
CA SER B 39 28.51 5.11 4.50
C SER B 39 27.75 3.86 4.99
N GLY B 40 27.56 2.90 4.09
CA GLY B 40 26.84 1.69 4.41
C GLY B 40 25.40 1.73 3.95
N THR B 41 24.68 2.76 4.36
CA THR B 41 23.27 2.93 4.03
C THR B 41 23.03 3.00 2.52
N SER B 42 21.86 2.57 2.09
CA SER B 42 21.46 2.80 0.70
C SER B 42 20.94 4.24 0.62
N PRO B 43 21.15 4.88 -0.53
CA PRO B 43 20.78 6.27 -0.75
C PRO B 43 19.43 6.66 -0.16
N LYS B 44 19.18 7.96 -0.12
CA LYS B 44 17.92 8.48 0.40
C LYS B 44 17.59 9.70 -0.45
N ILE B 45 16.31 9.86 -0.80
CA ILE B 45 15.94 11.08 -1.53
C ILE B 45 15.97 12.27 -0.59
N TRP B 46 16.46 13.40 -1.10
CA TRP B 46 16.67 14.56 -0.24
C TRP B 46 16.21 15.86 -0.85
N ILE B 47 16.58 16.09 -2.10
CA ILE B 47 16.09 17.27 -2.78
C ILE B 47 15.51 16.88 -4.11
N TYR B 48 14.27 17.29 -4.34
CA TYR B 48 13.58 16.91 -5.54
C TYR B 48 12.96 18.10 -6.23
N GLU B 49 12.97 18.07 -7.56
CA GLU B 49 12.52 19.20 -8.35
C GLU B 49 13.32 20.43 -7.95
N SER B 50 14.64 20.26 -7.95
CA SER B 50 15.58 21.36 -7.74
C SER B 50 15.71 21.83 -6.28
N SER B 51 14.59 22.06 -5.61
CA SER B 51 14.60 22.78 -4.34
C SER B 51 13.62 22.28 -3.27
N LYS B 52 12.68 21.41 -3.63
CA LYS B 52 11.77 20.86 -2.65
C LYS B 52 12.47 19.80 -1.77
N LEU B 53 12.52 20.06 -0.46
CA LEU B 53 13.18 19.16 0.48
C LEU B 53 12.34 17.92 0.75
N ALA B 54 12.96 16.76 0.66
CA ALA B 54 12.30 15.51 1.01
C ALA B 54 11.78 15.60 2.43
N SER B 55 11.05 14.58 2.87
CA SER B 55 10.54 14.58 4.23
C SER B 55 11.61 14.09 5.19
N GLY B 56 11.56 14.56 6.43
CA GLY B 56 12.58 14.24 7.42
C GLY B 56 13.80 15.12 7.27
N VAL B 57 14.03 15.59 6.04
CA VAL B 57 15.17 16.44 5.73
C VAL B 57 15.15 17.72 6.54
N PRO B 58 16.31 18.07 7.15
CA PRO B 58 16.43 19.30 7.94
C PRO B 58 16.35 20.55 7.06
N VAL B 59 15.70 21.59 7.58
CA VAL B 59 15.47 22.81 6.82
C VAL B 59 16.78 23.53 6.55
N ARG B 60 17.85 23.05 7.18
CA ARG B 60 19.18 23.58 6.97
C ARG B 60 19.63 23.45 5.51
N PHE B 61 19.36 22.29 4.92
CA PHE B 61 19.67 22.04 3.52
C PHE B 61 18.79 22.88 2.61
N SER B 62 19.34 23.24 1.46
CA SER B 62 18.55 23.91 0.43
C SER B 62 19.18 23.72 -0.94
N GLY B 63 18.36 23.78 -1.98
CA GLY B 63 18.86 23.66 -3.33
C GLY B 63 18.40 24.75 -4.25
N SER B 64 19.33 25.30 -5.02
CA SER B 64 19.03 26.21 -6.11
C SER B 64 19.47 25.54 -7.40
N GLY B 65 19.10 26.14 -8.52
CA GLY B 65 19.51 25.62 -9.82
C GLY B 65 18.56 25.94 -10.96
N SER B 66 19.13 26.18 -12.13
CA SER B 66 18.35 26.47 -13.31
C SER B 66 19.18 26.22 -14.56
N GLY B 67 18.56 25.59 -15.55
CA GLY B 67 19.24 25.25 -16.78
C GLY B 67 20.28 24.17 -16.58
N THR B 68 21.54 24.58 -16.55
CA THR B 68 22.64 23.63 -16.46
C THR B 68 23.39 23.72 -15.13
N SER B 69 23.13 24.78 -14.37
CA SER B 69 23.79 24.98 -13.09
C SER B 69 22.86 24.82 -11.89
N TYR B 70 23.22 23.92 -10.98
CA TYR B 70 22.43 23.64 -9.80
C TYR B 70 23.37 23.42 -8.63
N SER B 71 22.87 23.63 -7.42
CA SER B 71 23.69 23.42 -6.23
C SER B 71 22.81 23.16 -5.03
N LEU B 72 23.35 22.44 -4.05
CA LEU B 72 22.70 22.43 -2.77
C LEU B 72 23.64 23.02 -1.74
N THR B 73 23.04 23.54 -0.68
CA THR B 73 23.79 24.24 0.35
C THR B 73 23.24 23.86 1.71
N ILE B 74 24.16 23.48 2.59
CA ILE B 74 23.83 23.35 4.00
C ILE B 74 24.07 24.70 4.64
N SER B 75 23.06 25.20 5.33
CA SER B 75 23.14 26.48 6.03
C SER B 75 24.24 26.43 7.09
N SER B 76 24.10 25.54 8.07
CA SER B 76 25.11 25.38 9.11
C SER B 76 25.54 23.92 9.26
N MET B 77 26.67 23.57 8.63
CA MET B 77 27.20 22.21 8.68
C MET B 77 26.99 21.53 10.03
N GLU B 78 26.70 20.24 9.99
CA GLU B 78 26.57 19.48 11.23
C GLU B 78 26.90 18.00 11.04
N ALA B 79 27.26 17.35 12.14
CA ALA B 79 27.83 16.00 12.09
C ALA B 79 26.97 15.00 11.34
N GLU B 80 25.66 15.09 11.53
CA GLU B 80 24.75 14.17 10.88
C GLU B 80 24.66 14.41 9.37
N ASP B 81 25.27 15.50 8.91
CA ASP B 81 25.26 15.82 7.48
C ASP B 81 26.41 15.13 6.76
N VAL B 82 27.21 14.39 7.51
CA VAL B 82 28.37 13.71 6.96
C VAL B 82 27.95 12.56 6.07
N ALA B 83 28.21 12.68 4.77
CA ALA B 83 27.90 11.64 3.81
C ALA B 83 28.28 12.03 2.39
N THR B 84 27.94 11.17 1.44
CA THR B 84 28.12 11.47 0.03
C THR B 84 26.80 11.98 -0.55
N TYR B 85 26.87 12.94 -1.46
CA TYR B 85 25.66 13.53 -2.03
C TYR B 85 25.63 13.47 -3.54
N TYR B 86 24.62 12.82 -4.09
CA TYR B 86 24.53 12.64 -5.54
C TYR B 86 23.41 13.49 -6.14
N CYS B 87 23.63 13.96 -7.37
CA CYS B 87 22.59 14.68 -8.09
C CYS B 87 22.05 13.84 -9.23
N GLN B 88 20.73 13.85 -9.41
CA GLN B 88 20.10 13.12 -10.50
C GLN B 88 19.39 14.09 -11.42
N GLN B 89 19.46 13.83 -12.73
CA GLN B 89 18.74 14.64 -13.70
C GLN B 89 17.56 13.86 -14.23
N TRP B 90 16.54 14.58 -14.69
CA TRP B 90 15.31 13.94 -15.10
C TRP B 90 14.86 14.33 -16.50
N SER B 91 15.20 15.56 -16.87
CA SER B 91 14.73 16.17 -18.10
C SER B 91 14.98 15.31 -19.34
N SER B 92 15.97 14.43 -19.27
CA SER B 92 16.34 13.60 -20.41
C SER B 92 16.55 12.12 -20.10
N HIS B 93 16.77 11.35 -21.16
CA HIS B 93 16.93 9.92 -21.08
C HIS B 93 18.27 9.52 -21.69
N PRO B 94 19.02 8.63 -21.00
CA PRO B 94 18.61 7.95 -19.76
C PRO B 94 18.67 8.86 -18.54
N LEU B 95 18.28 8.32 -17.38
CA LEU B 95 18.40 9.04 -16.12
C LEU B 95 19.87 9.02 -15.71
N THR B 96 20.36 10.15 -15.21
CA THR B 96 21.78 10.27 -14.92
C THR B 96 22.05 10.66 -13.47
N PHE B 97 23.11 10.10 -12.91
CA PHE B 97 23.59 10.51 -11.59
C PHE B 97 24.94 11.19 -11.75
N GLY B 98 25.33 11.94 -10.73
CA GLY B 98 26.66 12.50 -10.69
C GLY B 98 27.58 11.53 -9.97
N ALA B 99 28.85 11.90 -9.87
CA ALA B 99 29.83 11.04 -9.23
C ALA B 99 29.64 11.04 -7.72
N GLY B 100 29.22 12.19 -7.20
CA GLY B 100 29.01 12.35 -5.78
C GLY B 100 30.01 13.29 -5.12
N THR B 101 29.56 14.00 -4.10
CA THR B 101 30.44 14.83 -3.29
C THR B 101 30.54 14.27 -1.88
N LYS B 102 31.73 13.85 -1.49
CA LYS B 102 31.96 13.36 -0.15
C LYS B 102 32.04 14.55 0.79
N LEU B 103 31.24 14.53 1.85
CA LEU B 103 31.25 15.61 2.83
C LEU B 103 31.76 15.10 4.18
N GLU B 104 32.88 15.66 4.63
CA GLU B 104 33.49 15.26 5.90
C GLU B 104 33.41 16.37 6.94
N LEU B 105 33.15 15.99 8.19
CA LEU B 105 33.21 16.93 9.30
C LEU B 105 34.66 17.21 9.67
N LYS B 106 35.07 18.46 9.52
CA LYS B 106 36.40 18.91 9.95
C LYS B 106 36.34 19.21 11.43
N ARG B 107 36.60 18.22 12.27
CA ARG B 107 36.47 18.37 13.71
C ARG B 107 37.81 18.72 14.38
N ALA B 108 37.92 18.41 15.67
CA ALA B 108 39.19 18.54 16.37
C ALA B 108 40.01 17.26 16.23
N ASP B 109 41.29 17.34 16.61
CA ASP B 109 42.19 16.21 16.47
C ASP B 109 41.93 15.13 17.51
N ALA B 110 42.70 14.05 17.43
CA ALA B 110 42.58 12.93 18.35
C ALA B 110 43.80 12.04 18.24
N ALA B 111 44.20 11.45 19.36
CA ALA B 111 45.39 10.63 19.41
C ALA B 111 45.14 9.26 18.77
N PRO B 112 45.93 8.94 17.73
CA PRO B 112 45.85 7.58 17.17
C PRO B 112 46.12 6.57 18.26
N THR B 113 45.06 5.99 18.81
CA THR B 113 45.19 4.95 19.83
C THR B 113 45.76 3.67 19.21
N VAL B 114 47.09 3.60 19.13
CA VAL B 114 47.76 2.47 18.49
C VAL B 114 47.70 1.21 19.33
N SER B 115 47.54 0.08 18.66
CA SER B 115 47.50 -1.22 19.32
C SER B 115 48.20 -2.24 18.43
N ILE B 116 48.37 -3.45 18.92
CA ILE B 116 48.96 -4.51 18.11
C ILE B 116 48.49 -5.87 18.59
N PHE B 117 48.63 -6.88 17.73
CA PHE B 117 48.24 -8.23 18.07
C PHE B 117 49.23 -9.24 17.52
N PRO B 118 49.78 -10.09 18.39
CA PRO B 118 50.73 -11.12 17.98
C PRO B 118 50.05 -12.16 17.06
N PRO B 119 50.82 -12.76 16.14
CA PRO B 119 50.29 -13.75 15.21
C PRO B 119 49.57 -14.90 15.92
N SER B 120 48.25 -14.95 15.78
CA SER B 120 47.46 -16.01 16.39
C SER B 120 47.93 -17.39 15.92
N SER B 121 48.29 -18.23 16.88
CA SER B 121 48.90 -19.54 16.63
C SER B 121 48.23 -20.32 15.50
N GLU B 122 46.92 -20.16 15.36
CA GLU B 122 46.16 -20.90 14.35
C GLU B 122 46.91 -21.08 13.03
N GLN B 123 47.45 -20.01 12.48
CA GLN B 123 48.10 -20.07 11.17
C GLN B 123 49.61 -20.33 11.26
N LEU B 124 50.18 -20.12 12.45
CA LEU B 124 51.59 -20.44 12.67
C LEU B 124 51.82 -21.93 12.47
N THR B 125 50.74 -22.66 12.18
CA THR B 125 50.77 -24.11 12.10
C THR B 125 51.44 -24.64 10.82
N SER B 126 51.16 -24.00 9.69
CA SER B 126 51.68 -24.46 8.41
C SER B 126 52.55 -23.40 7.74
N GLY B 127 53.13 -22.53 8.54
CA GLY B 127 53.95 -21.45 8.03
C GLY B 127 53.14 -20.24 7.62
N GLY B 128 52.24 -19.81 8.51
CA GLY B 128 51.40 -18.66 8.24
C GLY B 128 51.35 -17.66 9.39
N ALA B 129 51.79 -16.44 9.12
CA ALA B 129 51.75 -15.38 10.11
C ALA B 129 52.06 -14.01 9.51
N SER B 130 51.62 -12.97 10.21
CA SER B 130 51.86 -11.59 9.80
C SER B 130 51.44 -10.64 10.92
N VAL B 131 52.33 -9.74 11.31
CA VAL B 131 52.02 -8.81 12.39
C VAL B 131 51.07 -7.72 11.90
N VAL B 132 50.14 -7.33 12.77
CA VAL B 132 49.13 -6.35 12.42
C VAL B 132 48.96 -5.28 13.51
N CYS B 133 49.23 -4.03 13.15
CA CYS B 133 49.08 -2.92 14.08
C CYS B 133 47.71 -2.29 13.85
N PHE B 134 47.22 -1.54 14.84
CA PHE B 134 45.90 -0.93 14.73
C PHE B 134 45.88 0.50 15.25
N LEU B 135 45.15 1.36 14.55
CA LEU B 135 45.19 2.80 14.79
C LEU B 135 43.80 3.40 14.76
N ASN B 136 43.07 3.29 15.87
CA ASN B 136 41.68 3.75 15.92
C ASN B 136 41.50 5.25 16.13
N ASN B 137 40.25 5.64 16.33
CA ASN B 137 39.84 7.03 16.55
C ASN B 137 40.97 8.05 16.50
N PHE B 138 41.08 8.75 15.38
CA PHE B 138 42.10 9.77 15.20
C PHE B 138 41.76 10.72 14.07
N TYR B 139 42.07 12.00 14.26
CA TYR B 139 41.83 13.01 13.24
C TYR B 139 43.00 13.96 13.27
N PRO B 140 43.39 14.51 12.11
CA PRO B 140 42.81 14.35 10.77
C PRO B 140 43.11 12.97 10.16
N LYS B 141 42.83 12.81 8.86
CA LYS B 141 43.06 11.53 8.20
C LYS B 141 44.55 11.30 7.96
N ASP B 142 45.23 12.36 7.53
CA ASP B 142 46.64 12.29 7.14
C ASP B 142 47.51 11.55 8.17
N ILE B 143 48.20 10.51 7.73
CA ILE B 143 48.98 9.67 8.63
C ILE B 143 49.92 8.73 7.88
N ASN B 144 51.20 8.83 8.18
CA ASN B 144 52.21 7.90 7.66
C ASN B 144 52.40 6.72 8.60
N VAL B 145 52.28 5.51 8.07
CA VAL B 145 52.46 4.31 8.88
C VAL B 145 53.67 3.53 8.40
N LYS B 146 54.42 2.95 9.33
CA LYS B 146 55.64 2.24 8.97
C LYS B 146 55.97 1.06 9.89
N TRP B 147 56.63 0.05 9.31
CA TRP B 147 57.20 -1.07 10.06
C TRP B 147 58.71 -1.08 9.80
N LYS B 148 59.47 -1.83 10.59
CA LYS B 148 60.91 -1.89 10.41
C LYS B 148 61.51 -3.24 10.80
N ILE B 149 62.31 -3.80 9.89
CA ILE B 149 63.04 -5.04 10.16
C ILE B 149 64.29 -4.72 10.96
N ASP B 150 64.12 -4.45 12.25
CA ASP B 150 65.24 -4.07 13.08
C ASP B 150 65.98 -2.91 12.41
N GLY B 151 65.26 -1.82 12.17
CA GLY B 151 65.85 -0.63 11.57
C GLY B 151 65.67 -0.56 10.06
N SER B 152 65.14 -1.63 9.48
CA SER B 152 64.99 -1.69 8.03
C SER B 152 63.55 -1.41 7.61
N GLU B 153 63.34 -0.24 7.00
CA GLU B 153 62.02 0.11 6.50
C GLU B 153 61.53 -0.97 5.54
N ARG B 154 60.47 -1.67 5.95
CA ARG B 154 59.93 -2.77 5.16
C ARG B 154 58.63 -2.35 4.47
N GLN B 155 58.61 -2.47 3.15
CA GLN B 155 57.46 -2.05 2.36
C GLN B 155 56.89 -3.19 1.53
N ASN B 156 57.72 -4.18 1.25
CA ASN B 156 57.30 -5.34 0.46
C ASN B 156 56.42 -6.31 1.25
N GLY B 157 55.11 -6.21 1.04
CA GLY B 157 54.15 -7.03 1.76
C GLY B 157 53.40 -6.24 2.81
N VAL B 158 53.17 -4.97 2.54
CA VAL B 158 52.46 -4.11 3.48
C VAL B 158 51.28 -3.38 2.83
N LEU B 159 50.08 -3.86 3.12
CA LEU B 159 48.87 -3.18 2.64
C LEU B 159 47.97 -2.72 3.78
N ASN B 160 47.40 -1.53 3.61
CA ASN B 160 46.65 -0.86 4.66
C ASN B 160 45.15 -0.77 4.38
N SER B 161 44.39 -0.47 5.41
CA SER B 161 42.94 -0.37 5.30
C SER B 161 42.42 0.91 5.94
N TRP B 162 42.34 1.97 5.14
CA TRP B 162 41.82 3.26 5.60
C TRP B 162 40.29 3.22 5.66
N THR B 163 39.74 3.38 6.86
CA THR B 163 38.29 3.37 7.01
C THR B 163 37.70 4.78 6.96
N ASP B 164 36.38 4.86 7.08
CA ASP B 164 35.67 6.14 6.94
C ASP B 164 35.47 6.82 8.28
N GLN B 165 34.84 7.99 8.22
CA GLN B 165 34.58 8.81 9.40
C GLN B 165 33.45 8.24 10.24
N ASP B 166 33.80 7.69 11.40
CA ASP B 166 32.81 7.18 12.34
C ASP B 166 31.68 8.19 12.50
N SER B 167 30.46 7.69 12.65
CA SER B 167 29.29 8.57 12.71
C SER B 167 28.98 9.03 14.13
N LYS B 168 29.36 8.24 15.11
CA LYS B 168 29.07 8.54 16.51
C LYS B 168 30.02 9.57 17.11
N ASP B 169 31.16 9.81 16.46
CA ASP B 169 32.13 10.78 16.96
C ASP B 169 33.04 11.35 15.88
N SER B 170 32.74 11.07 14.62
CA SER B 170 33.47 11.67 13.50
C SER B 170 34.94 11.26 13.39
N THR B 171 35.37 10.27 14.16
CA THR B 171 36.76 9.84 14.12
C THR B 171 37.05 8.82 13.02
N TYR B 172 38.32 8.50 12.81
CA TYR B 172 38.72 7.53 11.80
C TYR B 172 39.19 6.21 12.39
N SER B 173 40.12 5.56 11.69
CA SER B 173 40.70 4.28 12.06
C SER B 173 41.47 3.70 10.86
N MET B 174 42.62 3.08 11.12
CA MET B 174 43.42 2.45 10.06
C MET B 174 44.00 1.12 10.52
N SER B 175 44.44 0.30 9.55
CA SER B 175 45.00 -1.01 9.85
C SER B 175 46.08 -1.42 8.86
N SER B 176 47.26 -1.80 9.37
CA SER B 176 48.39 -2.16 8.52
C SER B 176 48.88 -3.58 8.81
N THR B 177 49.46 -4.23 7.81
CA THR B 177 49.87 -5.63 7.93
C THR B 177 51.08 -6.03 7.07
N LEU B 178 52.16 -6.42 7.75
CA LEU B 178 53.40 -6.85 7.09
C LEU B 178 53.37 -8.33 6.69
N THR B 179 54.02 -8.68 5.59
CA THR B 179 53.94 -10.03 5.05
C THR B 179 55.06 -10.41 4.09
N LEU B 180 55.64 -11.59 4.31
CA LEU B 180 56.49 -12.25 3.33
C LEU B 180 56.45 -13.76 3.59
N THR B 181 56.71 -14.15 4.83
CA THR B 181 56.62 -15.54 5.25
C THR B 181 56.02 -15.66 6.66
N LYS B 182 56.20 -16.83 7.26
CA LYS B 182 55.86 -17.03 8.66
C LYS B 182 57.02 -17.76 9.34
N ASP B 183 57.75 -18.53 8.55
CA ASP B 183 58.95 -19.19 9.03
C ASP B 183 59.88 -18.13 9.61
N GLU B 184 59.43 -16.88 9.49
CA GLU B 184 60.19 -15.74 9.97
C GLU B 184 59.61 -15.17 11.27
N TYR B 185 59.57 -15.99 12.31
CA TYR B 185 59.31 -15.49 13.66
C TYR B 185 60.57 -15.58 14.51
N GLU B 186 61.19 -16.75 14.50
CA GLU B 186 62.48 -16.94 15.17
C GLU B 186 63.58 -16.46 14.24
N ARG B 187 63.21 -16.23 12.97
CA ARG B 187 64.14 -15.73 11.97
C ARG B 187 64.46 -14.26 12.21
N HIS B 188 63.72 -13.63 13.13
CA HIS B 188 63.99 -12.25 13.53
C HIS B 188 63.17 -11.88 14.76
N ASN B 189 63.60 -10.85 15.50
CA ASN B 189 63.00 -10.54 16.79
C ASN B 189 62.41 -9.14 16.99
N SER B 190 62.95 -8.13 16.30
CA SER B 190 62.45 -6.77 16.47
C SER B 190 61.38 -6.40 15.46
N TYR B 191 60.16 -6.20 15.94
CA TYR B 191 59.06 -5.72 15.10
C TYR B 191 58.72 -4.29 15.49
N THR B 192 58.08 -3.56 14.59
CA THR B 192 57.77 -2.16 14.86
C THR B 192 56.52 -1.61 14.19
N CYS B 193 55.89 -0.64 14.85
CA CYS B 193 54.84 0.18 14.28
C CYS B 193 55.21 1.63 14.51
N GLU B 194 55.81 2.27 13.51
CA GLU B 194 56.20 3.68 13.64
C GLU B 194 55.16 4.58 12.99
N ALA B 195 54.10 4.88 13.72
CA ALA B 195 53.01 5.71 13.22
C ALA B 195 53.30 7.17 13.49
N THR B 196 53.26 7.99 12.44
CA THR B 196 53.52 9.42 12.59
C THR B 196 52.33 10.29 12.14
N HIS B 197 51.98 11.26 12.99
CA HIS B 197 50.81 12.12 12.77
C HIS B 197 51.15 13.57 13.10
N LYS B 198 50.13 14.35 13.47
CA LYS B 198 50.32 15.75 13.82
C LYS B 198 49.82 16.03 15.24
N THR B 199 49.44 14.98 15.95
CA THR B 199 48.93 15.11 17.32
C THR B 199 50.00 14.60 18.28
N SER B 200 51.21 14.50 17.76
CA SER B 200 52.35 14.08 18.56
C SER B 200 53.61 14.60 17.92
N THR B 201 54.53 15.06 18.76
CA THR B 201 55.81 15.53 18.29
C THR B 201 56.64 14.34 17.85
N SER B 202 56.77 13.36 18.75
CA SER B 202 57.53 12.15 18.47
C SER B 202 56.61 11.05 17.92
N PRO B 203 56.88 10.59 16.69
CA PRO B 203 56.11 9.59 15.96
C PRO B 203 55.77 8.34 16.79
N ILE B 204 54.50 8.20 17.18
CA ILE B 204 54.04 7.09 18.01
C ILE B 204 54.55 5.73 17.56
N VAL B 205 55.11 4.97 18.50
CA VAL B 205 55.52 3.60 18.25
C VAL B 205 55.16 2.69 19.44
N LYS B 206 54.04 1.98 19.34
CA LYS B 206 53.59 1.10 20.39
C LYS B 206 53.76 -0.37 19.97
N SER B 207 55.02 -0.80 19.83
CA SER B 207 55.31 -2.13 19.29
C SER B 207 56.33 -2.93 20.11
N GLU C 1 6.21 0.80 8.05
CA GLU C 1 6.41 1.59 6.84
C GLU C 1 6.78 0.71 5.64
N VAL C 2 7.47 1.29 4.67
CA VAL C 2 7.87 0.59 3.47
C VAL C 2 8.99 -0.43 3.72
N LYS C 3 9.05 -1.46 2.90
CA LYS C 3 10.07 -2.50 3.01
C LYS C 3 10.52 -2.94 1.63
N LEU C 4 11.80 -2.74 1.33
CA LEU C 4 12.38 -3.14 0.05
C LEU C 4 13.60 -4.03 0.29
N VAL C 5 13.37 -5.34 0.35
CA VAL C 5 14.47 -6.26 0.66
C VAL C 5 14.92 -7.09 -0.55
N GLU C 6 16.07 -6.73 -1.10
CA GLU C 6 16.66 -7.46 -2.22
C GLU C 6 17.08 -8.87 -1.80
N SER C 7 17.31 -9.73 -2.78
CA SER C 7 17.72 -11.12 -2.53
C SER C 7 18.08 -11.84 -3.82
N GLY C 8 19.11 -12.66 -3.76
CA GLY C 8 19.56 -13.39 -4.93
C GLY C 8 20.91 -12.91 -5.40
N GLY C 9 21.76 -12.50 -4.47
CA GLY C 9 23.10 -12.06 -4.82
C GLY C 9 24.11 -13.14 -4.51
N GLY C 10 25.14 -13.25 -5.36
CA GLY C 10 26.20 -14.23 -5.17
C GLY C 10 27.34 -14.07 -6.16
N LEU C 11 28.13 -15.13 -6.32
CA LEU C 11 29.22 -15.15 -7.30
C LEU C 11 28.81 -15.90 -8.55
N VAL C 12 29.11 -15.33 -9.71
CA VAL C 12 28.80 -15.99 -10.97
C VAL C 12 29.96 -15.83 -11.97
N LEU C 13 30.10 -16.82 -12.85
CA LEU C 13 31.16 -16.81 -13.86
C LEU C 13 30.86 -15.82 -14.99
N PRO C 14 31.92 -15.27 -15.59
CA PRO C 14 31.86 -14.29 -16.68
C PRO C 14 31.04 -14.79 -17.88
N GLY C 15 29.73 -14.64 -17.82
CA GLY C 15 28.87 -15.07 -18.92
C GLY C 15 27.56 -15.66 -18.43
N GLY C 16 27.51 -15.99 -17.15
CA GLY C 16 26.35 -16.62 -16.55
C GLY C 16 25.16 -15.69 -16.33
N SER C 17 24.12 -16.24 -15.72
CA SER C 17 22.88 -15.52 -15.54
C SER C 17 22.49 -15.53 -14.07
N LEU C 18 21.53 -14.68 -13.72
CA LEU C 18 21.06 -14.58 -12.35
C LEU C 18 19.77 -13.77 -12.29
N ARG C 19 18.85 -14.18 -11.43
CA ARG C 19 17.57 -13.48 -11.30
C ARG C 19 17.43 -12.86 -9.92
N LEU C 20 17.61 -11.54 -9.88
CA LEU C 20 17.53 -10.76 -8.65
C LEU C 20 16.09 -10.47 -8.24
N SER C 21 15.79 -10.60 -6.94
CA SER C 21 14.44 -10.39 -6.44
C SER C 21 14.38 -9.20 -5.50
N CYS C 22 13.28 -8.46 -5.54
CA CYS C 22 13.04 -7.41 -4.56
C CYS C 22 11.67 -7.58 -3.92
N ALA C 23 11.60 -8.39 -2.86
CA ALA C 23 10.36 -8.58 -2.13
C ALA C 23 10.02 -7.34 -1.33
N THR C 24 8.85 -6.78 -1.60
CA THR C 24 8.43 -5.55 -0.94
C THR C 24 7.24 -5.78 -0.03
N SER C 25 7.00 -4.81 0.85
CA SER C 25 5.85 -4.84 1.72
C SER C 25 5.61 -3.45 2.28
N GLY C 26 4.51 -3.30 3.01
CA GLY C 26 4.18 -2.02 3.60
C GLY C 26 3.62 -1.02 2.61
N PHE C 27 3.23 -1.49 1.43
CA PHE C 27 2.51 -0.63 0.48
C PHE C 27 1.88 -1.37 -0.70
N THR C 28 1.01 -0.66 -1.42
CA THR C 28 0.37 -1.21 -2.61
C THR C 28 1.33 -1.23 -3.79
N PHE C 29 2.05 -2.34 -3.92
CA PHE C 29 3.05 -2.53 -4.97
C PHE C 29 2.57 -2.11 -6.36
N THR C 30 1.47 -2.69 -6.81
CA THR C 30 1.03 -2.52 -8.19
C THR C 30 0.95 -1.05 -8.60
N ASP C 31 0.51 -0.21 -7.66
CA ASP C 31 0.18 1.19 -7.95
C ASP C 31 1.35 2.01 -8.46
N TYR C 32 2.55 1.63 -8.04
CA TYR C 32 3.73 2.46 -8.28
C TYR C 32 4.60 1.85 -9.35
N TYR C 33 5.22 2.70 -10.16
CA TYR C 33 6.34 2.29 -11.00
C TYR C 33 7.43 1.70 -10.08
N MET C 34 8.50 1.18 -10.65
CA MET C 34 9.59 0.61 -9.86
C MET C 34 10.86 0.60 -10.68
N THR C 35 12.02 0.65 -10.00
CA THR C 35 13.27 0.75 -10.72
C THR C 35 14.41 -0.07 -10.12
N TRP C 36 15.43 -0.33 -10.94
CA TRP C 36 16.64 -0.98 -10.49
C TRP C 36 17.82 -0.06 -10.72
N VAL C 37 18.67 0.07 -9.71
CA VAL C 37 19.89 0.84 -9.86
C VAL C 37 21.02 0.04 -9.24
N ARG C 38 22.16 0.01 -9.92
CA ARG C 38 23.34 -0.70 -9.43
C ARG C 38 24.43 0.28 -9.01
N GLN C 39 25.13 -0.06 -7.93
CA GLN C 39 26.27 0.73 -7.49
C GLN C 39 27.53 -0.12 -7.57
N PRO C 40 28.43 0.23 -8.50
CA PRO C 40 29.72 -0.45 -8.62
C PRO C 40 30.61 -0.17 -7.39
N PRO C 41 31.53 -1.10 -7.10
CA PRO C 41 32.57 -0.87 -6.10
C PRO C 41 33.50 0.23 -6.59
N GLY C 42 33.05 1.47 -6.49
CA GLY C 42 33.76 2.60 -7.05
C GLY C 42 32.88 3.81 -6.87
N LYS C 43 31.80 3.62 -6.11
CA LYS C 43 30.88 4.69 -5.75
C LYS C 43 29.91 5.10 -6.87
N ALA C 44 30.39 5.15 -8.11
CA ALA C 44 29.54 5.53 -9.23
C ALA C 44 28.14 4.93 -9.08
N LEU C 45 27.14 5.55 -9.70
CA LEU C 45 25.76 5.13 -9.46
C LEU C 45 24.94 5.03 -10.76
N GLU C 46 24.68 3.79 -11.18
CA GLU C 46 24.08 3.53 -12.48
C GLU C 46 22.62 3.10 -12.42
N TRP C 47 21.76 3.88 -13.06
CA TRP C 47 20.39 3.48 -13.26
C TRP C 47 20.38 2.40 -14.35
N LEU C 48 19.52 1.41 -14.18
CA LEU C 48 19.47 0.29 -15.12
C LEU C 48 18.19 0.32 -15.95
N GLY C 49 17.06 0.26 -15.26
CA GLY C 49 15.77 0.34 -15.93
C GLY C 49 14.65 0.41 -14.91
N PHE C 50 13.51 0.93 -15.34
CA PHE C 50 12.32 0.95 -14.51
C PHE C 50 11.21 0.24 -15.25
N ILE C 51 10.14 -0.09 -14.54
CA ILE C 51 8.99 -0.73 -15.15
C ILE C 51 7.70 -0.16 -14.59
N GLY C 52 6.88 0.40 -15.49
CA GLY C 52 5.63 1.01 -15.10
C GLY C 52 4.73 0.05 -14.34
N ASN C 53 3.53 0.51 -14.03
CA ASN C 53 2.54 -0.33 -13.36
C ASN C 53 1.55 -0.89 -14.37
N LYS C 54 0.61 -1.69 -13.89
CA LYS C 54 -0.40 -2.29 -14.76
C LYS C 54 -1.04 -1.27 -15.69
N ALA C 55 -1.58 -0.19 -15.12
CA ALA C 55 -2.34 0.77 -15.92
C ALA C 55 -1.47 1.46 -16.97
N ASN C 56 -0.17 1.21 -16.92
CA ASN C 56 0.73 1.78 -17.91
C ASN C 56 1.38 0.70 -18.77
N ASP C 57 0.65 -0.41 -18.94
CA ASP C 57 1.10 -1.52 -19.78
C ASP C 57 2.49 -2.01 -19.40
N TYR C 58 2.80 -1.91 -18.12
CA TYR C 58 4.12 -2.30 -17.62
C TYR C 58 5.25 -1.73 -18.45
N THR C 59 5.07 -0.51 -18.96
CA THR C 59 6.07 0.09 -19.82
C THR C 59 7.42 -0.01 -19.14
N THR C 60 8.44 -0.31 -19.91
CA THR C 60 9.77 -0.43 -19.37
C THR C 60 10.73 0.38 -20.22
N GLU C 61 11.83 0.81 -19.62
CA GLU C 61 12.87 1.50 -20.36
C GLU C 61 14.20 1.06 -19.75
N TYR C 62 15.18 0.80 -20.59
CA TYR C 62 16.48 0.35 -20.11
C TYR C 62 17.61 1.29 -20.53
N SER C 63 18.71 1.27 -19.78
CA SER C 63 19.87 2.07 -20.14
C SER C 63 20.68 1.35 -21.21
N ALA C 64 21.49 2.12 -21.94
CA ALA C 64 22.30 1.56 -23.01
C ALA C 64 23.09 0.33 -22.54
N SER C 65 23.48 0.35 -21.28
CA SER C 65 24.33 -0.70 -20.73
C SER C 65 23.62 -2.02 -20.53
N VAL C 66 22.29 -2.01 -20.59
CA VAL C 66 21.53 -3.21 -20.26
C VAL C 66 20.68 -3.74 -21.42
N LYS C 67 20.66 -3.02 -22.53
CA LYS C 67 20.02 -3.54 -23.74
C LYS C 67 20.43 -4.99 -23.95
N GLY C 68 19.43 -5.86 -24.05
CA GLY C 68 19.65 -7.27 -24.28
C GLY C 68 19.99 -8.08 -23.04
N ARG C 69 21.03 -7.64 -22.32
CA ARG C 69 21.55 -8.39 -21.18
C ARG C 69 20.49 -8.73 -20.13
N PHE C 70 19.73 -7.73 -19.69
CA PHE C 70 18.72 -7.97 -18.65
C PHE C 70 17.32 -7.55 -19.07
N THR C 71 16.34 -8.07 -18.34
CA THR C 71 14.95 -7.65 -18.46
C THR C 71 14.27 -7.70 -17.11
N ILE C 72 13.42 -6.71 -16.85
CA ILE C 72 12.75 -6.59 -15.56
C ILE C 72 11.28 -7.00 -15.63
N SER C 73 10.82 -7.69 -14.60
CA SER C 73 9.46 -8.21 -14.55
C SER C 73 8.81 -7.93 -13.20
N ARG C 74 7.48 -7.86 -13.18
CA ARG C 74 6.75 -7.52 -11.96
C ARG C 74 5.77 -8.60 -11.54
N ASP C 75 5.95 -9.13 -10.34
CA ASP C 75 4.99 -10.07 -9.77
C ASP C 75 3.95 -9.32 -8.94
N ASP C 76 3.09 -8.56 -9.62
CA ASP C 76 2.12 -7.68 -8.95
C ASP C 76 1.27 -8.40 -7.91
N SER C 77 1.15 -9.71 -8.04
CA SER C 77 0.27 -10.47 -7.18
C SER C 77 0.84 -10.62 -5.77
N GLN C 78 2.17 -10.51 -5.66
CA GLN C 78 2.84 -10.71 -4.37
C GLN C 78 3.78 -9.56 -4.03
N SER C 79 3.66 -8.46 -4.76
CA SER C 79 4.52 -7.31 -4.53
C SER C 79 5.98 -7.72 -4.64
N ILE C 80 6.36 -8.25 -5.80
CA ILE C 80 7.73 -8.67 -6.03
C ILE C 80 8.27 -8.13 -7.34
N LEU C 81 9.55 -7.76 -7.34
CA LEU C 81 10.21 -7.24 -8.53
C LEU C 81 11.34 -8.19 -8.90
N TYR C 82 11.58 -8.37 -10.19
CA TYR C 82 12.68 -9.21 -10.62
C TYR C 82 13.53 -8.50 -11.66
N LEU C 83 14.81 -8.86 -11.68
CA LEU C 83 15.73 -8.41 -12.71
C LEU C 83 16.51 -9.60 -13.23
N GLN C 84 15.97 -10.23 -14.26
CA GLN C 84 16.65 -11.37 -14.88
C GLN C 84 17.93 -10.88 -15.54
N MET C 85 19.03 -11.59 -15.29
CA MET C 85 20.33 -11.15 -15.79
C MET C 85 21.01 -12.25 -16.59
N SER C 86 21.63 -11.87 -17.69
CA SER C 86 22.31 -12.84 -18.54
C SER C 86 23.64 -12.32 -19.08
N THR C 87 24.57 -13.26 -19.29
CA THR C 87 25.89 -12.98 -19.87
C THR C 87 26.65 -11.84 -19.19
N LEU C 88 26.68 -11.88 -17.86
CA LEU C 88 27.41 -10.91 -17.06
C LEU C 88 28.88 -10.84 -17.46
N ARG C 89 29.54 -9.75 -17.07
CA ARG C 89 30.98 -9.61 -17.26
C ARG C 89 31.60 -8.72 -16.18
N ALA C 90 32.76 -8.16 -16.48
CA ALA C 90 33.51 -7.40 -15.48
C ALA C 90 32.76 -6.18 -14.95
N GLU C 91 32.03 -5.50 -15.83
CA GLU C 91 31.39 -4.23 -15.47
C GLU C 91 30.16 -4.43 -14.59
N ASP C 92 29.50 -5.57 -14.74
CA ASP C 92 28.26 -5.84 -14.02
C ASP C 92 28.48 -6.10 -12.54
N ARG C 93 29.75 -6.24 -12.16
CA ARG C 93 30.14 -6.43 -10.78
C ARG C 93 29.70 -5.21 -9.98
N ALA C 94 28.80 -5.40 -9.02
CA ALA C 94 28.32 -4.27 -8.19
C ALA C 94 27.39 -4.62 -7.04
N THR C 95 26.71 -3.60 -6.54
CA THR C 95 25.66 -3.76 -5.55
C THR C 95 24.38 -3.22 -6.18
N TYR C 96 23.40 -4.09 -6.33
CA TYR C 96 22.22 -3.73 -7.08
C TYR C 96 21.08 -3.32 -6.15
N TYR C 97 20.57 -2.12 -6.37
CA TYR C 97 19.50 -1.54 -5.54
C TYR C 97 18.17 -1.57 -6.25
N CYS C 98 17.12 -1.73 -5.44
CA CYS C 98 15.74 -1.77 -5.89
C CYS C 98 14.96 -0.63 -5.23
N ALA C 99 14.55 0.36 -6.01
CA ALA C 99 13.81 1.50 -5.48
C ALA C 99 12.44 1.70 -6.13
N THR C 100 11.49 2.21 -5.36
CA THR C 100 10.21 2.65 -5.92
C THR C 100 10.42 3.99 -6.61
N VAL C 101 9.51 4.34 -7.52
CA VAL C 101 9.55 5.64 -8.15
C VAL C 101 8.36 6.43 -7.64
N TYR C 102 8.45 7.76 -7.62
CA TYR C 102 7.40 8.58 -7.05
C TYR C 102 7.50 10.04 -7.45
N GLY C 103 6.46 10.80 -7.13
CA GLY C 103 6.42 12.23 -7.41
C GLY C 103 5.95 12.59 -8.81
N ASN C 104 5.37 13.78 -8.92
CA ASN C 104 5.01 14.35 -10.21
C ASN C 104 6.18 14.31 -11.18
N TYR C 105 7.36 14.70 -10.69
CA TYR C 105 8.57 14.51 -11.47
C TYR C 105 9.39 13.43 -10.79
N PRO C 106 9.39 12.24 -11.39
CA PRO C 106 9.84 10.99 -10.76
C PRO C 106 11.17 11.13 -10.04
N TYR C 107 11.25 10.48 -8.89
CA TYR C 107 12.50 10.36 -8.18
C TYR C 107 12.46 9.05 -7.42
N PHE C 108 13.62 8.46 -7.21
CA PHE C 108 13.71 7.19 -6.50
C PHE C 108 13.66 7.51 -5.03
N ASP C 109 12.52 7.34 -4.38
CA ASP C 109 12.50 7.62 -2.95
C ASP C 109 12.94 6.44 -2.08
N VAL C 110 12.05 5.48 -1.81
CA VAL C 110 12.43 4.39 -0.92
C VAL C 110 13.27 3.29 -1.59
N TRP C 111 14.57 3.31 -1.34
CA TRP C 111 15.44 2.24 -1.83
C TRP C 111 15.43 1.05 -0.89
N GLY C 112 16.37 0.14 -1.09
CA GLY C 112 16.39 -1.09 -0.33
C GLY C 112 17.79 -1.42 0.07
N VAL C 113 17.93 -2.39 0.97
CA VAL C 113 19.22 -2.85 1.43
C VAL C 113 20.23 -2.86 0.28
N GLY C 114 19.83 -3.45 -0.83
CA GLY C 114 20.73 -3.64 -1.95
C GLY C 114 21.16 -5.09 -1.95
N THR C 115 21.76 -5.54 -3.06
CA THR C 115 22.25 -6.89 -3.09
C THR C 115 23.50 -7.02 -3.96
N THR C 116 24.43 -7.86 -3.51
CA THR C 116 25.78 -7.86 -4.04
C THR C 116 25.99 -8.85 -5.18
N VAL C 117 26.48 -8.34 -6.30
CA VAL C 117 26.69 -9.14 -7.49
C VAL C 117 28.17 -9.16 -7.88
N ALA C 118 28.78 -10.33 -7.75
CA ALA C 118 30.19 -10.49 -8.11
C ALA C 118 30.34 -11.35 -9.37
N VAL C 119 31.19 -10.89 -10.29
CA VAL C 119 31.43 -11.61 -11.52
C VAL C 119 32.91 -11.96 -11.64
N SER C 120 33.22 -13.25 -11.51
CA SER C 120 34.58 -13.74 -11.69
C SER C 120 34.63 -15.27 -11.69
N SER C 121 35.71 -15.82 -12.20
CA SER C 121 35.82 -17.27 -12.31
C SER C 121 36.57 -17.93 -11.14
N ALA C 122 37.09 -17.12 -10.22
CA ALA C 122 37.79 -17.65 -9.05
C ALA C 122 36.86 -18.50 -8.19
N THR C 123 37.42 -19.13 -7.15
CA THR C 123 36.68 -20.14 -6.39
C THR C 123 36.29 -19.70 -4.98
N THR C 124 35.15 -20.19 -4.51
CA THR C 124 34.65 -19.88 -3.18
C THR C 124 35.59 -20.42 -2.11
N THR C 125 35.61 -19.78 -0.94
CA THR C 125 36.53 -20.15 0.13
C THR C 125 36.04 -19.75 1.51
N ALA C 126 36.01 -20.71 2.43
CA ALA C 126 35.67 -20.44 3.83
C ALA C 126 36.87 -19.84 4.55
N PRO C 127 36.69 -18.65 5.12
CA PRO C 127 37.72 -17.81 5.76
C PRO C 127 38.49 -18.49 6.90
N SER C 128 39.54 -17.83 7.37
CA SER C 128 40.35 -18.34 8.47
C SER C 128 40.35 -17.37 9.67
N VAL C 129 39.28 -17.42 10.46
CA VAL C 129 39.11 -16.55 11.61
C VAL C 129 40.02 -16.95 12.78
N TYR C 130 40.73 -15.97 13.33
CA TYR C 130 41.66 -16.21 14.43
C TYR C 130 41.37 -15.31 15.63
N PRO C 131 41.86 -15.70 16.82
CA PRO C 131 41.64 -14.96 18.06
C PRO C 131 42.65 -13.84 18.28
N LEU C 132 42.26 -12.61 17.97
CA LEU C 132 43.10 -11.45 18.26
C LEU C 132 43.04 -11.13 19.75
N VAL C 133 43.77 -11.92 20.55
CA VAL C 133 43.75 -11.79 22.00
C VAL C 133 44.71 -10.70 22.47
N PRO C 134 44.27 -9.90 23.47
CA PRO C 134 45.11 -8.85 24.07
C PRO C 134 46.45 -9.38 24.54
N GLY C 135 47.53 -8.97 23.87
CA GLY C 135 48.87 -9.42 24.22
C GLY C 135 49.27 -9.03 25.63
N SER C 143 42.61 0.39 29.40
CA SER C 143 41.69 -0.74 29.50
C SER C 143 42.12 -1.91 28.61
N VAL C 144 41.25 -2.30 27.68
CA VAL C 144 41.53 -3.45 26.80
C VAL C 144 40.80 -3.37 25.46
N THR C 145 41.52 -3.69 24.38
CA THR C 145 40.94 -3.75 23.04
C THR C 145 41.22 -5.10 22.37
N LEU C 146 40.18 -5.74 21.87
CA LEU C 146 40.31 -7.05 21.24
C LEU C 146 39.96 -7.03 19.76
N GLY C 147 39.39 -8.12 19.26
CA GLY C 147 38.96 -8.21 17.87
C GLY C 147 39.14 -9.59 17.26
N CYS C 148 38.72 -9.73 16.01
CA CYS C 148 38.88 -10.99 15.28
C CYS C 148 39.44 -10.76 13.88
N LEU C 149 40.53 -11.44 13.56
CA LEU C 149 41.11 -11.34 12.22
C LEU C 149 40.38 -12.29 11.28
N VAL C 150 40.17 -11.86 10.04
CA VAL C 150 39.51 -12.68 9.04
C VAL C 150 40.25 -12.62 7.71
N LYS C 151 40.97 -13.69 7.38
CA LYS C 151 41.72 -13.76 6.13
C LYS C 151 41.37 -14.96 5.26
N GLY C 152 42.02 -15.05 4.11
CA GLY C 152 41.84 -16.15 3.19
C GLY C 152 40.38 -16.47 2.92
N TYR C 153 39.71 -15.62 2.14
CA TYR C 153 38.34 -15.90 1.75
C TYR C 153 37.97 -15.24 0.41
N PHE C 154 36.92 -15.78 -0.22
CA PHE C 154 36.46 -15.30 -1.52
C PHE C 154 35.17 -15.99 -1.93
N PRO C 155 34.22 -15.22 -2.46
CA PRO C 155 34.34 -13.77 -2.62
C PRO C 155 33.73 -13.03 -1.46
N GLU C 156 33.87 -11.70 -1.46
CA GLU C 156 33.21 -10.84 -0.50
C GLU C 156 31.70 -10.97 -0.71
N PRO C 157 30.90 -10.55 0.27
CA PRO C 157 31.28 -9.96 1.55
C PRO C 157 31.13 -10.93 2.72
N VAL C 158 31.91 -10.70 3.77
CA VAL C 158 31.77 -11.44 5.02
C VAL C 158 30.99 -10.59 6.01
N THR C 159 30.52 -11.22 7.09
CA THR C 159 29.77 -10.49 8.11
C THR C 159 30.25 -10.88 9.52
N VAL C 160 30.67 -9.88 10.28
CA VAL C 160 31.11 -10.10 11.66
C VAL C 160 30.15 -9.42 12.64
N LYS C 161 29.99 -10.03 13.81
CA LYS C 161 29.19 -9.43 14.89
C LYS C 161 29.81 -9.80 16.24
N TRP C 162 29.30 -9.18 17.30
CA TRP C 162 29.74 -9.50 18.65
C TRP C 162 28.54 -9.70 19.57
N ASN C 163 28.55 -10.79 20.33
CA ASN C 163 27.43 -11.10 21.20
C ASN C 163 26.13 -11.21 20.44
N TYR C 164 26.19 -11.78 19.24
CA TYR C 164 25.01 -12.04 18.43
C TYR C 164 24.24 -10.77 18.05
N GLY C 165 24.97 -9.71 17.70
CA GLY C 165 24.36 -8.48 17.29
C GLY C 165 23.97 -7.58 18.44
N ALA C 166 24.16 -8.08 19.66
CA ALA C 166 23.87 -7.31 20.87
C ALA C 166 24.90 -6.20 21.04
N LEU C 167 26.10 -6.58 21.45
CA LEU C 167 27.19 -5.64 21.67
C LEU C 167 27.46 -4.84 20.40
N SER C 168 27.01 -3.59 20.36
CA SER C 168 27.13 -2.78 19.16
C SER C 168 27.68 -1.37 19.40
N SER C 169 28.58 -1.23 20.37
CA SER C 169 29.21 0.05 20.66
C SER C 169 30.69 -0.09 21.02
N GLY C 170 31.53 0.65 20.31
CA GLY C 170 32.97 0.52 20.45
C GLY C 170 33.50 -0.43 19.38
N VAL C 171 32.60 -0.92 18.55
CA VAL C 171 32.93 -1.85 17.48
C VAL C 171 33.61 -1.12 16.31
N ARG C 172 34.74 -1.65 15.87
CA ARG C 172 35.49 -1.07 14.77
C ARG C 172 35.95 -2.14 13.78
N THR C 173 35.02 -2.61 12.94
CA THR C 173 35.33 -3.59 11.91
C THR C 173 35.81 -2.90 10.64
N VAL C 174 37.11 -3.00 10.38
CA VAL C 174 37.73 -2.28 9.27
C VAL C 174 37.28 -2.80 7.90
N SER C 175 37.77 -2.15 6.85
CA SER C 175 37.51 -2.58 5.48
C SER C 175 38.38 -3.78 5.15
N SER C 176 38.24 -4.30 3.93
CA SER C 176 39.03 -5.44 3.48
C SER C 176 39.69 -5.16 2.14
N VAL C 177 40.92 -5.60 1.98
CA VAL C 177 41.67 -5.31 0.75
C VAL C 177 42.06 -6.57 0.01
N LEU C 178 42.11 -6.46 -1.31
CA LEU C 178 42.40 -7.60 -2.17
C LEU C 178 43.88 -7.92 -2.22
N GLN C 179 44.19 -9.21 -2.17
CA GLN C 179 45.55 -9.68 -2.33
C GLN C 179 45.56 -11.19 -2.44
N SER C 180 46.36 -11.72 -3.35
CA SER C 180 46.42 -13.16 -3.56
C SER C 180 45.05 -13.67 -4.01
N GLY C 181 44.32 -12.84 -4.74
CA GLY C 181 42.95 -13.15 -5.11
C GLY C 181 42.11 -13.36 -3.88
N PHE C 182 42.47 -12.67 -2.80
CA PHE C 182 41.85 -12.86 -1.49
C PHE C 182 41.44 -11.57 -0.80
N TYR C 183 40.31 -11.62 -0.11
CA TYR C 183 39.88 -10.53 0.76
C TYR C 183 40.44 -10.74 2.17
N SER C 184 40.74 -9.64 2.86
CA SER C 184 41.15 -9.69 4.26
C SER C 184 40.54 -8.52 5.02
N LEU C 185 39.65 -8.79 5.97
CA LEU C 185 39.15 -7.73 6.84
C LEU C 185 39.45 -7.99 8.31
N SER C 186 39.62 -6.91 9.07
CA SER C 186 39.92 -7.01 10.49
C SER C 186 38.75 -6.45 11.29
N SER C 187 38.84 -6.53 12.62
CA SER C 187 37.77 -6.02 13.47
C SER C 187 38.23 -5.87 14.93
N LEU C 188 37.80 -4.79 15.56
CA LEU C 188 38.15 -4.52 16.96
C LEU C 188 36.99 -3.85 17.70
N VAL C 189 36.83 -4.20 18.97
CA VAL C 189 35.80 -3.60 19.82
C VAL C 189 36.35 -3.48 21.24
N THR C 190 35.71 -2.66 22.08
CA THR C 190 36.23 -2.43 23.42
C THR C 190 35.16 -2.27 24.51
N VAL C 191 35.41 -2.89 25.65
CA VAL C 191 34.57 -2.74 26.83
C VAL C 191 35.46 -2.55 28.06
N PRO C 192 34.89 -2.04 29.17
CA PRO C 192 35.66 -1.80 30.39
C PRO C 192 36.54 -3.00 30.77
N SER C 193 37.79 -2.73 31.13
CA SER C 193 38.73 -3.81 31.47
C SER C 193 38.29 -4.54 32.74
N SER C 194 37.15 -4.11 33.30
CA SER C 194 36.60 -4.74 34.48
C SER C 194 35.69 -5.91 34.11
N THR C 195 35.06 -5.81 32.94
CA THR C 195 34.13 -6.82 32.49
C THR C 195 34.78 -7.83 31.54
N TRP C 196 36.04 -8.14 31.80
CA TRP C 196 36.76 -9.14 31.01
C TRP C 196 37.90 -9.77 31.80
N PRO C 197 38.05 -11.11 31.67
CA PRO C 197 37.16 -11.96 30.86
C PRO C 197 35.92 -12.39 31.66
N SER C 198 35.23 -11.43 32.26
CA SER C 198 34.09 -11.74 33.11
C SER C 198 32.75 -11.72 32.36
N GLN C 199 32.81 -11.66 31.04
CA GLN C 199 31.61 -11.75 30.21
C GLN C 199 31.89 -12.40 28.86
N THR C 200 30.82 -12.77 28.15
CA THR C 200 30.93 -13.50 26.89
C THR C 200 31.55 -12.68 25.76
N VAL C 201 32.79 -13.03 25.40
CA VAL C 201 33.48 -12.38 24.30
C VAL C 201 33.45 -13.26 23.06
N ILE C 202 32.49 -13.01 22.17
CA ILE C 202 32.32 -13.83 20.99
C ILE C 202 32.17 -12.98 19.73
N CYS C 203 32.81 -13.42 18.66
CA CYS C 203 32.71 -12.74 17.37
C CYS C 203 32.04 -13.63 16.33
N ASN C 204 30.81 -13.29 15.98
CA ASN C 204 30.09 -13.97 14.91
C ASN C 204 30.72 -13.64 13.57
N VAL C 205 30.93 -14.65 12.74
CA VAL C 205 31.53 -14.44 11.43
C VAL C 205 30.86 -15.33 10.39
N ALA C 206 30.00 -14.74 9.56
CA ALA C 206 29.29 -15.50 8.54
C ALA C 206 29.88 -15.28 7.14
N HIS C 207 29.86 -16.33 6.33
CA HIS C 207 30.44 -16.28 4.98
C HIS C 207 29.43 -16.78 3.94
N PRO C 208 28.59 -15.87 3.43
CA PRO C 208 27.53 -16.20 2.47
C PRO C 208 28.05 -16.97 1.26
N ALA C 209 29.32 -16.79 0.93
CA ALA C 209 29.91 -17.46 -0.22
C ALA C 209 29.88 -18.97 -0.04
N SER C 210 30.47 -19.47 1.04
CA SER C 210 30.44 -20.90 1.33
C SER C 210 29.36 -21.22 2.36
N LYS C 211 28.41 -20.31 2.51
CA LYS C 211 27.28 -20.48 3.43
C LYS C 211 27.66 -21.14 4.75
N VAL C 212 28.54 -20.48 5.51
CA VAL C 212 28.96 -20.99 6.80
C VAL C 212 29.00 -19.91 7.87
N ASP C 213 29.26 -20.32 9.11
CA ASP C 213 29.44 -19.39 10.21
C ASP C 213 30.41 -19.99 11.21
N LEU C 214 30.97 -19.15 12.08
CA LEU C 214 31.91 -19.60 13.10
C LEU C 214 31.73 -18.81 14.38
N ILE C 215 30.90 -19.33 15.29
CA ILE C 215 30.65 -18.68 16.57
C ILE C 215 31.88 -18.82 17.47
N LYS C 216 32.87 -17.97 17.25
CA LYS C 216 34.12 -18.05 17.99
C LYS C 216 34.00 -17.39 19.36
N GLU C 217 35.11 -17.31 20.07
CA GLU C 217 35.15 -16.72 21.40
C GLU C 217 36.59 -16.44 21.81
N ILE C 218 36.93 -15.16 21.92
CA ILE C 218 38.29 -14.76 22.22
C ILE C 218 38.57 -14.81 23.72
N SER C 219 39.07 -15.96 24.18
CA SER C 219 39.38 -16.15 25.59
C SER C 219 40.70 -15.48 25.96
#